data_1NC2
#
_entry.id   1NC2
#
_cell.length_a   67.335
_cell.length_b   81.300
_cell.length_c   160.923
_cell.angle_alpha   90.00
_cell.angle_beta   90.00
_cell.angle_gamma   90.00
#
_symmetry.space_group_name_H-M   'P 21 21 21'
#
loop_
_entity.id
_entity.type
_entity.pdbx_description
1 polymer 'MONOCLONAL ANTIBODY 2D12.5, LAMBDA LIGHT CHAIN'
2 polymer 'MONOCLONAL ANTIBODY 2D12.5, IGG1 GAMMA HEAVY CHAIN'
3 polymer 'MONOCLONAL ANTIBODY 2D12.5, IGG1 GAMMA HEAVY CHAIN'
4 non-polymer 'CHLORIDE ION'
5 non-polymer 'YTTRIUM (III) ION'
6 non-polymer "(S)-2-(4-(2-(2-HYDROXYETHYLTHIO)-ACETAMIDO)-BENZYL)-1,4,7,10-TETRAAZACYCLODODECANE-N,N',N'',N'''-TETRAACETATE"
7 non-polymer 2-acetamido-2-deoxy-beta-D-glucopyranose
8 water water
#
loop_
_entity_poly.entity_id
_entity_poly.type
_entity_poly.pdbx_seq_one_letter_code
_entity_poly.pdbx_strand_id
1 'polypeptide(L)'
;QAVVTQESALTTSPGETVTLTCRSSTGAVTTSNYANWVQEKPDHLFTGLIGGNNNRPPGVPARFSGSLIGDKAALTIAGT
QTEDEAIYFCALWYSNHWVFGGGTRLTVLGQPKSSPSVTLFPPSSEELETNKATLVCTITDFYPGVVTVDWKVDGTPVTQ
GMETTQPSKQSNNKYMASSYLTLTARAWERHSSYSCQVTHEGHTVEKSLSPAECS
;
A,C
2 'polypeptide(L)'
;(PCA)VKLQESGPGLVQPSQSLSITCTVSGFSLTDYGVHWVRQSPGKGLEWLGVIWSGGGTAYTAAFISRLNIYKDNSKN
QVFFEMNSLQANDTAMYYCARRGSYPYNYFDVWGQGTTVTVSSAKTTPPSVYPLAPGSAAQTNSMVTLGCLVKGYFPEPV
TVTWNSGSLSSGVHTFPAVLQSDLYTLSSSVTVPSSTWPSETVTCNVAHPASSTKVDKKIVPRDC
;
B
3 'polypeptide(L)'
;QVKLQESGPGLVQPSQSLSITCTVSGFSLTDYGVHWVRQSPGKGLEWLGVIWSGGGTAYTAAFISRLNIYKDNSKNQVFF
EMNSLQANDTAMYYCARRGSYPYNYFDVWGQGTTVTVSSAKTTPPSVYPLAPGSAAQTNSMVTLGCLVKGYFPEPVTVTW
NSGSLSSGVHTFPAVLQSDLYTLSSSVTVPSSTWPSETVTCNVAHPASSTKVDKKIVPRDC
;
D
#
loop_
_chem_comp.id
_chem_comp.type
_chem_comp.name
_chem_comp.formula
CL non-polymer 'CHLORIDE ION' 'Cl -1'
DOE non-polymer (S)-2-(4-(2-(2-HYDROXYETHYLTHIO)-ACETAMIDO)-BENZYL)-1,4,7,10-TETRAAZACYCLODODECANE-N,N',N'',N'''-TETRAACETATE 'C27 H41 N5 O10 S'
NAG D-saccharide, beta linking 2-acetamido-2-deoxy-beta-D-glucopyranose 'C8 H15 N O6'
YT3 non-polymer 'YTTRIUM (III) ION' 'Y 3'
#
# COMPACT_ATOMS: atom_id res chain seq x y z
N GLN A 1 -28.71 -17.43 -3.83
CA GLN A 1 -27.32 -17.97 -3.95
C GLN A 1 -26.39 -17.32 -2.90
N ALA A 2 -25.75 -18.16 -2.09
CA ALA A 2 -24.83 -17.72 -1.04
C ALA A 2 -23.49 -17.19 -1.52
N VAL A 3 -22.97 -16.22 -0.78
CA VAL A 3 -21.66 -15.63 -1.06
C VAL A 3 -20.73 -16.15 0.02
N VAL A 4 -19.55 -16.60 -0.40
CA VAL A 4 -18.55 -17.13 0.52
C VAL A 4 -17.41 -16.12 0.55
N THR A 5 -17.15 -15.61 1.75
CA THR A 5 -16.13 -14.58 1.98
C THR A 5 -14.89 -15.08 2.71
N GLN A 6 -13.76 -14.69 2.16
CA GLN A 6 -12.41 -14.99 2.67
C GLN A 6 -11.65 -13.66 2.76
N GLU A 7 -10.57 -13.61 3.55
CA GLU A 7 -9.74 -12.39 3.65
C GLU A 7 -9.08 -12.25 2.27
N SER A 8 -8.94 -11.03 1.76
CA SER A 8 -8.34 -10.86 0.42
C SER A 8 -6.88 -11.30 0.33
N ALA A 9 -6.10 -10.97 1.37
CA ALA A 9 -4.70 -11.32 1.40
C ALA A 9 -4.13 -11.29 2.81
N LEU A 10 -3.17 -12.16 3.06
CA LEU A 10 -2.49 -12.20 4.37
C LEU A 10 -1.00 -12.25 4.05
N THR A 11 -0.23 -11.53 4.85
CA THR A 11 1.21 -11.52 4.68
C THR A 11 1.78 -12.10 5.97
N THR A 12 2.77 -12.97 5.83
CA THR A 12 3.37 -13.67 6.95
C THR A 12 4.89 -13.88 6.75
N SER A 13 5.57 -14.32 7.80
CA SER A 13 7.01 -14.60 7.71
C SER A 13 7.15 -16.13 7.98
N PRO A 14 8.24 -16.77 7.50
CA PRO A 14 8.41 -18.21 7.71
C PRO A 14 8.40 -18.71 9.15
N GLY A 15 7.64 -19.78 9.37
CA GLY A 15 7.48 -20.35 10.69
C GLY A 15 6.26 -19.89 11.45
N GLU A 16 5.59 -18.84 10.96
CA GLU A 16 4.40 -18.31 11.62
C GLU A 16 3.19 -19.18 11.42
N THR A 17 2.31 -19.19 12.40
CA THR A 17 1.06 -19.94 12.34
C THR A 17 0.00 -18.91 11.93
N VAL A 18 -0.71 -19.19 10.83
CA VAL A 18 -1.76 -18.30 10.35
C VAL A 18 -3.06 -19.05 10.16
N THR A 19 -4.17 -18.30 10.24
CA THR A 19 -5.49 -18.85 10.11
C THR A 19 -6.28 -18.07 9.08
N LEU A 20 -6.70 -18.77 8.02
CA LEU A 20 -7.47 -18.16 6.95
C LEU A 20 -8.91 -18.57 7.25
N THR A 21 -9.87 -17.67 7.03
CA THR A 21 -11.26 -17.98 7.30
C THR A 21 -12.12 -17.95 6.04
N CYS A 22 -13.25 -18.63 6.14
CA CYS A 22 -14.22 -18.83 5.07
C CYS A 22 -15.59 -18.67 5.71
N ARG A 23 -16.27 -17.59 5.35
CA ARG A 23 -17.58 -17.22 5.89
C ARG A 23 -18.73 -17.41 4.92
N SER A 24 -19.88 -17.80 5.45
CA SER A 24 -21.07 -18.00 4.63
C SER A 24 -22.07 -16.85 4.88
N SER A 25 -22.63 -16.29 3.80
CA SER A 25 -23.60 -15.20 3.92
C SER A 25 -24.98 -15.66 4.40
N THR A 26 -25.28 -16.95 4.24
CA THR A 26 -26.59 -17.50 4.63
C THR A 26 -26.73 -17.93 6.08
N GLY A 27 -25.62 -17.84 6.81
CA GLY A 27 -25.61 -18.22 8.20
C GLY A 27 -24.28 -18.86 8.53
N ALA A 28 -24.28 -19.62 9.62
CA ALA A 28 -23.09 -20.32 10.08
C ALA A 28 -22.64 -21.43 9.11
N VAL A 29 -21.32 -21.65 9.04
CA VAL A 29 -20.78 -22.71 8.22
C VAL A 29 -20.86 -23.90 9.17
N THR A 30 -21.46 -24.98 8.69
CA THR A 30 -21.63 -26.20 9.48
C THR A 30 -20.86 -27.37 8.83
N THR A 31 -20.87 -28.52 9.51
CA THR A 31 -20.22 -29.76 9.03
C THR A 31 -20.89 -30.25 7.73
N SER A 32 -22.18 -29.93 7.57
CA SER A 32 -22.96 -30.29 6.39
C SER A 32 -22.53 -29.49 5.13
N ASN A 33 -21.70 -28.47 5.32
CA ASN A 33 -21.16 -27.68 4.22
C ASN A 33 -19.89 -28.34 3.67
N TYR A 34 -19.39 -29.39 4.33
CA TYR A 34 -18.19 -30.15 3.89
C TYR A 34 -17.11 -29.25 3.25
N ALA A 35 -16.63 -28.27 4.02
CA ALA A 35 -15.65 -27.32 3.53
C ALA A 35 -14.35 -27.91 3.03
N ASN A 36 -14.02 -27.51 1.80
CA ASN A 36 -12.82 -27.93 1.08
C ASN A 36 -11.92 -26.73 0.91
N TRP A 37 -10.62 -27.00 0.80
CA TRP A 37 -9.61 -25.98 0.57
C TRP A 37 -8.76 -26.42 -0.60
N VAL A 38 -8.48 -25.46 -1.48
CA VAL A 38 -7.71 -25.66 -2.70
C VAL A 38 -6.63 -24.59 -2.77
N GLN A 39 -5.46 -24.98 -3.26
CA GLN A 39 -4.34 -24.06 -3.41
C GLN A 39 -4.05 -23.79 -4.88
N GLU A 40 -3.83 -22.51 -5.19
CA GLU A 40 -3.47 -22.08 -6.54
C GLU A 40 -2.03 -21.55 -6.54
N LYS A 41 -1.20 -22.15 -7.39
CA LYS A 41 0.21 -21.79 -7.56
C LYS A 41 0.37 -21.10 -8.91
N PRO A 42 1.43 -20.25 -9.08
CA PRO A 42 1.67 -19.54 -10.35
C PRO A 42 1.62 -20.42 -11.57
N ASP A 43 1.03 -19.83 -12.61
CA ASP A 43 0.77 -20.40 -13.93
C ASP A 43 -0.50 -21.23 -13.83
N HIS A 44 -1.48 -20.67 -13.10
CA HIS A 44 -2.84 -21.23 -12.92
C HIS A 44 -2.94 -22.73 -12.62
N LEU A 45 -2.03 -23.20 -11.76
CA LEU A 45 -1.93 -24.60 -11.35
C LEU A 45 -2.58 -24.81 -9.98
N PHE A 46 -3.69 -25.54 -9.97
CA PHE A 46 -4.43 -25.83 -8.74
C PHE A 46 -4.19 -27.22 -8.20
N THR A 47 -4.24 -27.34 -6.86
CA THR A 47 -4.10 -28.61 -6.16
C THR A 47 -4.93 -28.62 -4.86
N GLY A 48 -5.54 -29.76 -4.57
CA GLY A 48 -6.37 -29.91 -3.37
C GLY A 48 -5.59 -30.03 -2.08
N LEU A 49 -6.04 -29.34 -1.03
CA LEU A 49 -5.39 -29.38 0.27
C LEU A 49 -6.16 -30.09 1.36
N ILE A 50 -7.45 -29.77 1.47
CA ILE A 50 -8.30 -30.34 2.52
C ILE A 50 -9.64 -30.76 1.92
N GLY A 51 -10.06 -31.96 2.31
CA GLY A 51 -11.33 -32.51 1.89
C GLY A 51 -12.49 -32.17 2.81
N GLY A 52 -13.65 -32.72 2.48
CA GLY A 52 -14.89 -32.47 3.22
C GLY A 52 -15.00 -32.93 4.65
N ASN A 53 -14.12 -33.85 5.03
CA ASN A 53 -14.07 -34.40 6.39
C ASN A 53 -12.74 -34.01 7.05
N ASN A 54 -12.20 -32.86 6.65
CA ASN A 54 -10.93 -32.30 7.13
C ASN A 54 -9.72 -33.19 6.79
N ASN A 55 -9.91 -34.04 5.78
CA ASN A 55 -8.92 -34.99 5.31
C ASN A 55 -7.97 -34.45 4.22
N ARG A 56 -6.67 -34.68 4.40
CA ARG A 56 -5.65 -34.24 3.44
C ARG A 56 -5.29 -35.28 2.38
N PRO A 57 -5.08 -34.86 1.11
CA PRO A 57 -4.69 -35.83 0.06
C PRO A 57 -3.26 -36.31 0.36
N PRO A 58 -2.86 -37.52 -0.13
CA PRO A 58 -1.50 -38.00 0.15
C PRO A 58 -0.47 -37.03 -0.46
N GLY A 59 0.49 -36.62 0.35
CA GLY A 59 1.50 -35.70 -0.14
C GLY A 59 1.32 -34.26 0.30
N VAL A 60 0.13 -33.94 0.82
CA VAL A 60 -0.14 -32.59 1.32
C VAL A 60 0.44 -32.54 2.74
N PRO A 61 1.28 -31.52 3.04
CA PRO A 61 1.89 -31.37 4.37
C PRO A 61 0.93 -31.32 5.54
N ALA A 62 1.37 -31.91 6.65
CA ALA A 62 0.54 -31.95 7.84
C ALA A 62 0.33 -30.58 8.51
N ARG A 63 1.09 -29.56 8.08
CA ARG A 63 0.89 -28.20 8.62
C ARG A 63 -0.43 -27.58 8.20
N PHE A 64 -1.03 -28.14 7.13
CA PHE A 64 -2.33 -27.69 6.62
C PHE A 64 -3.43 -28.45 7.34
N SER A 65 -4.32 -27.72 7.99
CA SER A 65 -5.43 -28.33 8.74
C SER A 65 -6.70 -27.50 8.56
N GLY A 66 -7.80 -28.19 8.29
CA GLY A 66 -9.09 -27.56 8.13
C GLY A 66 -9.95 -27.77 9.36
N SER A 67 -10.74 -26.77 9.73
CA SER A 67 -11.64 -26.84 10.88
C SER A 67 -12.75 -25.80 10.78
N LEU A 68 -13.65 -25.85 11.75
CA LEU A 68 -14.74 -24.89 11.90
C LEU A 68 -14.41 -24.18 13.21
N ILE A 69 -14.35 -22.85 13.15
CA ILE A 69 -14.07 -22.05 14.32
C ILE A 69 -15.31 -21.19 14.48
N GLY A 70 -16.16 -21.58 15.43
CA GLY A 70 -17.40 -20.86 15.68
C GLY A 70 -18.35 -21.06 14.51
N ASP A 71 -18.63 -19.95 13.83
CA ASP A 71 -19.54 -19.96 12.68
C ASP A 71 -18.87 -19.97 11.29
N LYS A 72 -17.54 -20.07 11.28
CA LYS A 72 -16.79 -20.02 10.02
C LYS A 72 -15.88 -21.22 9.78
N ALA A 73 -15.55 -21.49 8.51
CA ALA A 73 -14.62 -22.56 8.16
C ALA A 73 -13.25 -21.90 8.23
N ALA A 74 -12.21 -22.71 8.50
CA ALA A 74 -10.88 -22.16 8.63
C ALA A 74 -9.78 -23.11 8.19
N LEU A 75 -8.72 -22.52 7.66
CA LEU A 75 -7.53 -23.24 7.24
C LEU A 75 -6.42 -22.67 8.11
N THR A 76 -5.79 -23.55 8.86
CA THR A 76 -4.67 -23.18 9.73
C THR A 76 -3.42 -23.77 9.10
N ILE A 77 -2.43 -22.92 8.91
CA ILE A 77 -1.13 -23.32 8.38
C ILE A 77 -0.19 -23.16 9.58
N ALA A 78 0.26 -24.27 10.14
CA ALA A 78 1.11 -24.28 11.32
C ALA A 78 2.60 -24.33 10.96
N GLY A 79 3.14 -23.15 10.66
CA GLY A 79 4.53 -22.99 10.31
C GLY A 79 4.59 -22.72 8.83
N THR A 80 4.28 -21.48 8.41
CA THR A 80 4.28 -21.13 6.98
C THR A 80 5.65 -21.28 6.31
N GLN A 81 5.67 -21.99 5.19
CA GLN A 81 6.90 -22.17 4.44
C GLN A 81 6.85 -21.25 3.25
N THR A 82 8.02 -21.01 2.68
CA THR A 82 8.15 -20.15 1.52
C THR A 82 7.36 -20.70 0.33
N GLU A 83 7.31 -22.03 0.21
CA GLU A 83 6.55 -22.70 -0.85
C GLU A 83 5.02 -22.57 -0.69
N ASP A 84 4.56 -22.07 0.46
CA ASP A 84 3.11 -21.91 0.73
C ASP A 84 2.57 -20.60 0.15
N GLU A 85 3.43 -19.82 -0.48
CA GLU A 85 3.07 -18.57 -1.13
C GLU A 85 2.13 -18.99 -2.26
N ALA A 86 0.87 -18.55 -2.19
CA ALA A 86 -0.15 -18.97 -3.14
C ALA A 86 -1.47 -18.30 -2.82
N ILE A 87 -2.48 -18.65 -3.59
CA ILE A 87 -3.84 -18.19 -3.36
C ILE A 87 -4.62 -19.40 -2.84
N TYR A 88 -5.30 -19.22 -1.71
CA TYR A 88 -6.07 -20.28 -1.07
C TYR A 88 -7.58 -20.08 -1.21
N PHE A 89 -8.25 -21.07 -1.82
CA PHE A 89 -9.70 -20.99 -2.04
C PHE A 89 -10.44 -22.00 -1.20
N CYS A 90 -11.54 -21.56 -0.59
CA CYS A 90 -12.38 -22.46 0.19
C CYS A 90 -13.64 -22.70 -0.65
N ALA A 91 -14.26 -23.86 -0.51
CA ALA A 91 -15.49 -24.20 -1.22
C ALA A 91 -16.47 -24.84 -0.25
N LEU A 92 -17.70 -24.34 -0.26
CA LEU A 92 -18.76 -24.83 0.64
C LEU A 92 -19.91 -25.48 -0.13
N TRP A 93 -20.43 -26.57 0.42
CA TRP A 93 -21.52 -27.33 -0.18
C TRP A 93 -22.86 -26.89 0.41
N TYR A 94 -23.80 -26.54 -0.46
CA TYR A 94 -25.13 -26.13 0.00
C TYR A 94 -26.23 -26.98 -0.63
N SER A 95 -26.32 -28.22 -0.17
CA SER A 95 -27.31 -29.22 -0.60
C SER A 95 -27.36 -29.67 -2.06
N ASN A 96 -27.13 -28.76 -3.02
CA ASN A 96 -27.14 -29.10 -4.46
C ASN A 96 -26.20 -28.27 -5.34
N HIS A 97 -25.20 -27.64 -4.74
CA HIS A 97 -24.20 -26.83 -5.44
C HIS A 97 -23.03 -26.45 -4.53
N TRP A 98 -21.87 -26.23 -5.13
CA TRP A 98 -20.69 -25.80 -4.37
C TRP A 98 -20.50 -24.31 -4.66
N VAL A 99 -19.96 -23.59 -3.68
CA VAL A 99 -19.68 -22.17 -3.86
C VAL A 99 -18.27 -21.91 -3.38
N PHE A 100 -17.42 -21.40 -4.26
CA PHE A 100 -16.05 -21.03 -3.90
C PHE A 100 -16.01 -19.62 -3.33
N GLY A 101 -15.08 -19.42 -2.38
CA GLY A 101 -14.83 -18.12 -1.78
C GLY A 101 -14.03 -17.32 -2.77
N GLY A 102 -13.77 -16.05 -2.46
CA GLY A 102 -13.04 -15.17 -3.36
C GLY A 102 -11.52 -15.36 -3.37
N GLY A 103 -11.01 -16.20 -2.48
CA GLY A 103 -9.58 -16.47 -2.38
C GLY A 103 -8.76 -15.58 -1.47
N THR A 104 -7.77 -16.17 -0.81
CA THR A 104 -6.86 -15.41 0.06
C THR A 104 -5.45 -15.61 -0.47
N ARG A 105 -4.83 -14.51 -0.90
CA ARG A 105 -3.46 -14.55 -1.40
C ARG A 105 -2.53 -14.53 -0.20
N LEU A 106 -1.61 -15.49 -0.12
CA LEU A 106 -0.68 -15.54 0.99
C LEU A 106 0.72 -15.20 0.51
N THR A 107 1.29 -14.16 1.12
CA THR A 107 2.64 -13.70 0.84
C THR A 107 3.49 -14.10 2.05
N VAL A 108 4.66 -14.67 1.78
CA VAL A 108 5.61 -15.11 2.81
C VAL A 108 6.88 -14.29 2.63
N LEU A 109 7.21 -13.47 3.63
CA LEU A 109 8.39 -12.60 3.61
C LEU A 109 9.66 -13.36 4.00
N GLY A 110 10.75 -12.61 4.13
CA GLY A 110 12.04 -13.15 4.53
C GLY A 110 12.77 -14.05 3.55
N GLN A 111 12.37 -14.03 2.27
CA GLN A 111 13.03 -14.84 1.25
C GLN A 111 14.30 -14.06 0.83
N PRO A 112 15.40 -14.76 0.45
CA PRO A 112 16.63 -14.04 0.06
C PRO A 112 16.55 -13.14 -1.16
N LYS A 113 17.16 -11.96 -1.02
CA LYS A 113 17.22 -10.95 -2.09
C LYS A 113 18.05 -11.49 -3.25
N SER A 114 17.58 -11.23 -4.46
CA SER A 114 18.29 -11.65 -5.67
C SER A 114 18.25 -10.50 -6.66
N SER A 115 19.41 -10.10 -7.15
CA SER A 115 19.52 -9.02 -8.12
C SER A 115 19.16 -9.45 -9.54
N PRO A 116 18.50 -8.58 -10.32
CA PRO A 116 18.10 -8.89 -11.70
C PRO A 116 19.21 -9.08 -12.74
N SER A 117 18.97 -10.04 -13.64
CA SER A 117 19.86 -10.35 -14.75
C SER A 117 19.12 -9.75 -15.95
N VAL A 118 19.70 -8.69 -16.53
CA VAL A 118 19.10 -7.95 -17.65
C VAL A 118 19.76 -8.26 -19.00
N THR A 119 18.93 -8.31 -20.05
CA THR A 119 19.41 -8.54 -21.42
C THR A 119 18.70 -7.59 -22.39
N LEU A 120 19.48 -6.84 -23.16
CA LEU A 120 18.91 -5.93 -24.15
C LEU A 120 19.16 -6.45 -25.57
N PHE A 121 18.06 -6.56 -26.31
CA PHE A 121 18.06 -7.06 -27.68
C PHE A 121 17.78 -6.01 -28.75
N PRO A 122 18.59 -5.98 -29.83
CA PRO A 122 18.40 -5.02 -30.92
C PRO A 122 17.28 -5.56 -31.84
N PRO A 123 16.65 -4.71 -32.70
CA PRO A 123 15.59 -5.23 -33.57
C PRO A 123 16.13 -6.11 -34.67
N SER A 124 15.28 -6.99 -35.22
CA SER A 124 15.70 -7.86 -36.31
C SER A 124 15.72 -7.09 -37.62
N SER A 125 16.45 -7.62 -38.60
CA SER A 125 16.52 -6.99 -39.93
C SER A 125 15.15 -7.15 -40.62
N GLU A 126 14.42 -8.19 -40.23
CA GLU A 126 13.07 -8.49 -40.75
C GLU A 126 12.05 -7.49 -40.22
N GLU A 127 12.28 -7.00 -39.00
CA GLU A 127 11.43 -6.02 -38.32
C GLU A 127 11.50 -4.70 -39.04
N LEU A 128 12.72 -4.31 -39.41
CA LEU A 128 13.02 -3.05 -40.08
C LEU A 128 12.43 -2.93 -41.49
N GLU A 129 11.96 -4.06 -42.03
CA GLU A 129 11.36 -4.12 -43.35
C GLU A 129 9.88 -3.75 -43.32
N THR A 130 9.35 -3.59 -42.11
CA THR A 130 7.96 -3.19 -41.89
C THR A 130 7.98 -1.76 -41.34
N ASN A 131 9.15 -1.12 -41.45
CA ASN A 131 9.44 0.24 -40.97
C ASN A 131 9.22 0.44 -39.46
N LYS A 132 9.36 -0.66 -38.72
CA LYS A 132 9.22 -0.67 -37.27
C LYS A 132 10.44 -1.33 -36.61
N ALA A 133 10.74 -0.88 -35.40
CA ALA A 133 11.88 -1.41 -34.65
C ALA A 133 11.52 -1.56 -33.18
N THR A 134 11.57 -2.80 -32.70
CA THR A 134 11.26 -3.07 -31.29
C THR A 134 12.50 -3.57 -30.55
N LEU A 135 12.86 -2.81 -29.51
CA LEU A 135 13.99 -3.14 -28.63
C LEU A 135 13.40 -3.86 -27.42
N VAL A 136 13.90 -5.07 -27.15
CA VAL A 136 13.42 -5.89 -26.05
C VAL A 136 14.41 -5.96 -24.90
N CYS A 137 13.92 -5.68 -23.70
CA CYS A 137 14.73 -5.72 -22.50
C CYS A 137 14.12 -6.78 -21.57
N THR A 138 14.81 -7.89 -21.43
CA THR A 138 14.35 -8.99 -20.59
C THR A 138 14.98 -8.87 -19.21
N ILE A 139 14.21 -9.18 -18.16
CA ILE A 139 14.68 -9.06 -16.79
C ILE A 139 14.36 -10.37 -16.05
N THR A 140 15.38 -11.09 -15.57
CA THR A 140 15.16 -12.35 -14.85
C THR A 140 15.78 -12.45 -13.47
N ASP A 141 15.41 -13.53 -12.78
CA ASP A 141 15.92 -13.90 -11.46
C ASP A 141 16.00 -12.86 -10.33
N PHE A 142 14.96 -12.03 -10.19
CA PHE A 142 14.95 -11.05 -9.12
C PHE A 142 13.93 -11.33 -8.01
N TYR A 143 14.29 -10.91 -6.80
CA TYR A 143 13.42 -10.99 -5.63
C TYR A 143 13.83 -9.80 -4.73
N PRO A 144 12.85 -8.97 -4.24
CA PRO A 144 11.37 -8.92 -4.38
C PRO A 144 10.88 -8.54 -5.76
N GLY A 145 9.62 -8.87 -6.04
CA GLY A 145 9.00 -8.59 -7.33
C GLY A 145 8.58 -7.16 -7.58
N VAL A 146 9.50 -6.23 -7.32
CA VAL A 146 9.27 -4.81 -7.53
C VAL A 146 10.46 -4.26 -8.31
N VAL A 147 10.15 -3.71 -9.47
CA VAL A 147 11.17 -3.19 -10.37
C VAL A 147 10.65 -2.00 -11.17
N THR A 148 11.56 -1.06 -11.46
CA THR A 148 11.21 0.11 -12.26
C THR A 148 12.15 0.09 -13.47
N VAL A 149 11.58 0.36 -14.65
CA VAL A 149 12.36 0.38 -15.88
C VAL A 149 12.36 1.76 -16.55
N ASP A 150 13.56 2.25 -16.84
CA ASP A 150 13.77 3.55 -17.50
C ASP A 150 14.53 3.34 -18.82
N TRP A 151 14.04 3.94 -19.90
CA TRP A 151 14.67 3.85 -21.21
C TRP A 151 15.28 5.19 -21.63
N LYS A 152 16.49 5.13 -22.18
CA LYS A 152 17.19 6.33 -22.64
C LYS A 152 17.74 6.21 -24.04
N VAL A 153 17.57 7.28 -24.82
CA VAL A 153 18.04 7.37 -26.21
C VAL A 153 19.04 8.54 -26.28
N ASP A 154 20.31 8.19 -26.48
CA ASP A 154 21.46 9.13 -26.53
C ASP A 154 21.74 9.79 -25.17
N GLY A 155 20.81 9.58 -24.23
CA GLY A 155 20.90 10.15 -22.89
C GLY A 155 19.57 10.74 -22.47
N THR A 156 18.75 11.13 -23.45
CA THR A 156 17.43 11.74 -23.18
C THR A 156 16.36 10.68 -22.89
N PRO A 157 15.55 10.88 -21.80
CA PRO A 157 14.48 9.95 -21.43
C PRO A 157 13.29 9.98 -22.38
N VAL A 158 12.70 8.81 -22.59
CA VAL A 158 11.51 8.65 -23.44
C VAL A 158 10.41 7.98 -22.64
N THR A 159 9.19 8.52 -22.75
CA THR A 159 8.03 7.96 -22.07
C THR A 159 7.11 7.32 -23.11
N GLN A 160 7.17 7.86 -24.34
CA GLN A 160 6.39 7.36 -25.47
C GLN A 160 7.06 6.14 -26.11
N GLY A 161 6.26 5.16 -26.51
CA GLY A 161 6.75 3.96 -27.14
C GLY A 161 7.08 2.78 -26.24
N MET A 162 7.13 3.01 -24.92
CA MET A 162 7.45 1.96 -23.97
C MET A 162 6.27 1.25 -23.29
N GLU A 163 6.41 -0.08 -23.14
CA GLU A 163 5.40 -0.93 -22.53
C GLU A 163 6.11 -2.01 -21.70
N THR A 164 5.82 -2.05 -20.40
CA THR A 164 6.44 -2.98 -19.45
C THR A 164 5.41 -3.87 -18.74
N THR A 165 5.77 -5.14 -18.55
CA THR A 165 4.91 -6.13 -17.87
C THR A 165 5.04 -6.04 -16.35
N GLN A 166 4.06 -6.60 -15.66
CA GLN A 166 4.06 -6.68 -14.19
C GLN A 166 4.93 -7.90 -13.87
N PRO A 167 5.69 -7.89 -12.75
CA PRO A 167 6.54 -9.05 -12.41
C PRO A 167 5.73 -10.30 -12.05
N SER A 168 6.17 -11.46 -12.56
CA SER A 168 5.52 -12.73 -12.27
C SER A 168 6.59 -13.80 -12.00
N LYS A 169 6.22 -14.84 -11.27
CA LYS A 169 7.15 -15.91 -10.91
C LYS A 169 7.72 -16.81 -11.99
N GLN A 170 8.96 -17.24 -11.74
CA GLN A 170 9.68 -18.17 -12.61
C GLN A 170 9.54 -19.55 -12.00
N SER A 171 10.12 -20.54 -12.65
CA SER A 171 10.07 -21.93 -12.16
C SER A 171 10.91 -22.11 -10.87
N ASN A 172 11.82 -21.16 -10.61
CA ASN A 172 12.68 -21.20 -9.42
C ASN A 172 12.30 -20.22 -8.29
N ASN A 173 11.04 -19.79 -8.26
CA ASN A 173 10.48 -18.87 -7.24
C ASN A 173 10.90 -17.39 -7.29
N LYS A 174 11.81 -17.06 -8.20
CA LYS A 174 12.26 -15.68 -8.37
C LYS A 174 11.35 -15.05 -9.44
N TYR A 175 11.47 -13.74 -9.66
CA TYR A 175 10.63 -13.04 -10.62
C TYR A 175 11.28 -12.68 -11.95
N MET A 176 10.42 -12.53 -12.96
CA MET A 176 10.80 -12.14 -14.30
C MET A 176 9.86 -11.02 -14.76
N ALA A 177 10.31 -10.28 -15.76
CA ALA A 177 9.54 -9.19 -16.37
C ALA A 177 10.23 -8.84 -17.68
N SER A 178 9.51 -8.12 -18.55
CA SER A 178 10.06 -7.67 -19.82
C SER A 178 9.52 -6.28 -20.15
N SER A 179 10.33 -5.51 -20.89
CA SER A 179 9.99 -4.17 -21.32
C SER A 179 10.32 -4.03 -22.80
N TYR A 180 9.47 -3.29 -23.49
CA TYR A 180 9.60 -3.05 -24.94
C TYR A 180 9.59 -1.56 -25.25
N LEU A 181 10.33 -1.17 -26.28
CA LEU A 181 10.37 0.20 -26.76
C LEU A 181 10.22 0.07 -28.27
N THR A 182 9.07 0.50 -28.79
CA THR A 182 8.81 0.43 -30.23
C THR A 182 9.00 1.78 -30.90
N LEU A 183 9.99 1.81 -31.80
CA LEU A 183 10.38 3.00 -32.57
C LEU A 183 10.22 2.68 -34.07
N THR A 184 10.47 3.68 -34.92
CA THR A 184 10.40 3.48 -36.38
C THR A 184 11.79 3.05 -36.82
N ALA A 185 11.89 2.46 -38.01
CA ALA A 185 13.17 2.02 -38.56
C ALA A 185 14.08 3.22 -38.84
N ARG A 186 13.43 4.37 -39.16
CA ARG A 186 14.09 5.65 -39.43
C ARG A 186 14.79 6.15 -38.17
N ALA A 187 14.07 6.11 -37.04
CA ALA A 187 14.58 6.53 -35.73
C ALA A 187 15.73 5.65 -35.24
N TRP A 188 15.66 4.35 -35.58
CA TRP A 188 16.69 3.38 -35.20
C TRP A 188 18.01 3.69 -35.93
N GLU A 189 17.90 4.04 -37.20
CA GLU A 189 19.05 4.39 -38.04
C GLU A 189 19.67 5.74 -37.70
N ARG A 190 18.83 6.65 -37.19
CA ARG A 190 19.26 8.00 -36.85
C ARG A 190 20.13 8.16 -35.60
N HIS A 191 19.83 7.39 -34.55
CA HIS A 191 20.58 7.49 -33.29
C HIS A 191 21.67 6.43 -33.08
N SER A 192 22.55 6.70 -32.10
CA SER A 192 23.69 5.83 -31.79
C SER A 192 23.77 5.20 -30.39
N SER A 193 22.88 5.57 -29.48
CA SER A 193 22.91 5.01 -28.11
C SER A 193 21.51 4.79 -27.53
N TYR A 194 21.25 3.53 -27.18
CA TYR A 194 19.96 3.09 -26.59
C TYR A 194 20.29 2.31 -25.32
N SER A 195 19.55 2.62 -24.26
CA SER A 195 19.79 2.00 -22.95
C SER A 195 18.54 1.56 -22.18
N CYS A 196 18.65 0.41 -21.52
CA CYS A 196 17.59 -0.13 -20.67
C CYS A 196 18.14 -0.13 -19.24
N GLN A 197 17.49 0.61 -18.36
CA GLN A 197 17.92 0.70 -16.97
C GLN A 197 16.89 0.06 -16.07
N VAL A 198 17.30 -0.99 -15.37
CA VAL A 198 16.39 -1.69 -14.47
C VAL A 198 16.79 -1.44 -13.02
N THR A 199 15.95 -0.70 -12.30
CA THR A 199 16.22 -0.40 -10.91
C THR A 199 15.44 -1.35 -10.00
N HIS A 200 16.17 -1.94 -9.05
CA HIS A 200 15.65 -2.90 -8.09
C HIS A 200 16.32 -2.66 -6.74
N GLU A 201 15.49 -2.35 -5.75
CA GLU A 201 15.90 -2.07 -4.35
C GLU A 201 17.03 -1.03 -4.26
N GLY A 202 16.80 0.12 -4.90
CA GLY A 202 17.76 1.22 -4.90
C GLY A 202 18.89 1.17 -5.93
N HIS A 203 19.35 -0.05 -6.23
CA HIS A 203 20.44 -0.30 -7.19
C HIS A 203 19.95 -0.42 -8.63
N THR A 204 20.66 0.25 -9.54
CA THR A 204 20.34 0.22 -10.96
C THR A 204 21.35 -0.61 -11.74
N VAL A 205 20.82 -1.49 -12.60
CA VAL A 205 21.63 -2.34 -13.48
C VAL A 205 21.25 -1.89 -14.90
N GLU A 206 22.25 -1.68 -15.74
CA GLU A 206 22.04 -1.19 -17.11
C GLU A 206 22.73 -1.94 -18.23
N LYS A 207 22.00 -2.12 -19.32
CA LYS A 207 22.51 -2.75 -20.53
C LYS A 207 22.26 -1.76 -21.68
N SER A 208 23.24 -1.62 -22.56
CA SER A 208 23.13 -0.68 -23.67
C SER A 208 23.46 -1.26 -25.04
N LEU A 209 23.09 -0.51 -26.08
CA LEU A 209 23.34 -0.89 -27.47
C LEU A 209 23.97 0.26 -28.26
N SER A 210 24.80 -0.09 -29.25
CA SER A 210 25.48 0.87 -30.12
C SER A 210 25.52 0.32 -31.56
N PRO A 211 24.72 0.90 -32.49
CA PRO A 211 24.65 0.48 -33.91
C PRO A 211 25.94 0.73 -34.72
N PCA B 1 0.79 -39.87 -12.26
CA PCA B 1 -0.11 -40.87 -12.91
CB PCA B 1 -0.29 -42.08 -12.01
CG PCA B 1 -0.07 -41.56 -10.59
CD PCA B 1 0.79 -40.33 -10.85
OE PCA B 1 1.44 -39.80 -9.94
C PCA B 1 -1.48 -40.17 -13.36
O PCA B 1 -1.95 -40.40 -14.46
N VAL B 2 -2.20 -39.63 -12.39
CA VAL B 2 -3.48 -38.94 -12.60
C VAL B 2 -3.42 -37.66 -13.44
N LYS B 3 -4.11 -37.65 -14.57
CA LYS B 3 -4.16 -36.49 -15.47
C LYS B 3 -5.57 -36.19 -16.00
N LEU B 4 -5.89 -34.90 -16.17
CA LEU B 4 -7.17 -34.47 -16.74
C LEU B 4 -6.69 -33.57 -17.88
N GLN B 5 -6.81 -34.06 -19.12
CA GLN B 5 -6.37 -33.31 -20.30
C GLN B 5 -7.50 -32.55 -20.94
N GLU B 6 -7.32 -31.24 -21.06
CA GLU B 6 -8.33 -30.37 -21.61
C GLU B 6 -8.06 -30.01 -23.04
N SER B 7 -9.14 -29.76 -23.78
CA SER B 7 -9.08 -29.36 -25.18
C SER B 7 -8.52 -27.93 -25.30
N GLY B 8 -7.98 -27.63 -26.48
CA GLY B 8 -7.34 -26.37 -26.78
C GLY B 8 -8.06 -25.05 -26.58
N PRO B 9 -7.37 -23.91 -26.82
CA PRO B 9 -7.83 -22.51 -26.72
C PRO B 9 -9.11 -22.27 -27.53
N GLY B 10 -10.04 -21.51 -26.96
CA GLY B 10 -11.29 -21.24 -27.64
C GLY B 10 -11.69 -19.79 -27.71
N LEU B 11 -11.90 -19.31 -28.93
CA LEU B 11 -12.37 -17.94 -29.16
C LEU B 11 -13.86 -18.09 -29.48
N VAL B 12 -14.71 -17.42 -28.71
CA VAL B 12 -16.17 -17.50 -28.89
C VAL B 12 -16.76 -16.10 -29.11
N GLN B 13 -17.75 -16.02 -29.98
CA GLN B 13 -18.43 -14.76 -30.25
C GLN B 13 -19.64 -14.70 -29.34
N PRO B 14 -20.01 -13.49 -28.83
CA PRO B 14 -21.15 -13.35 -27.94
C PRO B 14 -22.40 -14.01 -28.52
N SER B 15 -23.16 -14.67 -27.62
CA SER B 15 -24.40 -15.39 -27.91
C SER B 15 -24.18 -16.82 -28.47
N GLN B 16 -22.93 -17.16 -28.78
CA GLN B 16 -22.64 -18.50 -29.28
C GLN B 16 -22.16 -19.44 -28.20
N SER B 17 -21.98 -20.72 -28.54
CA SER B 17 -21.61 -21.70 -27.54
C SER B 17 -20.14 -22.04 -27.34
N LEU B 18 -19.88 -22.74 -26.24
CA LEU B 18 -18.54 -23.20 -25.86
C LEU B 18 -18.63 -24.71 -25.59
N SER B 19 -17.62 -25.44 -26.06
CA SER B 19 -17.52 -26.88 -25.88
C SER B 19 -16.09 -27.22 -25.44
N ILE B 20 -15.96 -27.94 -24.33
CA ILE B 20 -14.64 -28.37 -23.83
C ILE B 20 -14.68 -29.85 -23.44
N THR B 21 -13.64 -30.57 -23.82
CA THR B 21 -13.51 -31.99 -23.49
C THR B 21 -12.39 -32.16 -22.47
N CYS B 22 -12.70 -32.88 -21.40
CA CYS B 22 -11.74 -33.23 -20.34
C CYS B 22 -11.52 -34.75 -20.48
N THR B 23 -10.32 -35.13 -20.97
CA THR B 23 -9.95 -36.54 -21.18
C THR B 23 -9.06 -36.95 -20.00
N VAL B 24 -9.55 -37.92 -19.24
CA VAL B 24 -8.86 -38.34 -18.05
C VAL B 24 -8.08 -39.66 -18.16
N SER B 25 -7.03 -39.79 -17.34
CA SER B 25 -6.19 -41.00 -17.27
C SER B 25 -5.66 -41.18 -15.84
N GLY B 26 -5.40 -42.44 -15.47
CA GLY B 26 -4.89 -42.79 -14.15
C GLY B 26 -6.01 -43.11 -13.18
N PHE B 27 -7.26 -42.97 -13.64
CA PHE B 27 -8.45 -43.27 -12.84
C PHE B 27 -9.64 -43.43 -13.76
N SER B 28 -10.73 -43.92 -13.20
CA SER B 28 -11.95 -44.13 -13.97
C SER B 28 -13.05 -43.16 -13.54
N LEU B 29 -13.80 -42.67 -14.53
CA LEU B 29 -14.95 -41.78 -14.30
C LEU B 29 -16.10 -42.50 -13.57
N THR B 30 -16.03 -43.84 -13.49
CA THR B 30 -17.04 -44.62 -12.77
C THR B 30 -16.84 -44.54 -11.25
N ASP B 31 -15.65 -44.11 -10.82
CA ASP B 31 -15.31 -43.99 -9.39
C ASP B 31 -15.22 -42.55 -8.90
N TYR B 32 -14.96 -41.62 -9.81
CA TYR B 32 -14.78 -40.22 -9.47
C TYR B 32 -15.73 -39.24 -10.13
N GLY B 33 -15.93 -38.11 -9.44
CA GLY B 33 -16.75 -37.04 -9.94
C GLY B 33 -15.83 -36.02 -10.63
N VAL B 34 -16.34 -35.34 -11.66
CA VAL B 34 -15.54 -34.32 -12.35
C VAL B 34 -16.32 -33.01 -12.34
N HIS B 35 -15.70 -32.00 -11.75
CA HIS B 35 -16.25 -30.66 -11.59
C HIS B 35 -15.74 -29.69 -12.61
N TRP B 36 -16.54 -28.66 -12.92
CA TRP B 36 -16.10 -27.62 -13.84
C TRP B 36 -16.14 -26.29 -13.09
N VAL B 37 -15.04 -25.58 -13.19
CA VAL B 37 -14.82 -24.32 -12.47
C VAL B 37 -14.13 -23.31 -13.39
N ARG B 38 -14.44 -22.02 -13.19
CA ARG B 38 -13.80 -20.97 -13.97
C ARG B 38 -13.19 -19.85 -13.11
N GLN B 39 -12.23 -19.12 -13.69
CA GLN B 39 -11.55 -17.99 -13.06
C GLN B 39 -11.37 -16.88 -14.09
N SER B 40 -12.07 -15.77 -13.86
CA SER B 40 -12.03 -14.59 -14.76
C SER B 40 -10.74 -13.81 -14.55
N PRO B 41 -10.33 -12.97 -15.54
CA PRO B 41 -9.08 -12.21 -15.32
C PRO B 41 -9.18 -11.28 -14.10
N GLY B 42 -10.41 -10.81 -13.83
CA GLY B 42 -10.67 -9.95 -12.70
C GLY B 42 -11.52 -10.57 -11.58
N LYS B 43 -11.19 -11.80 -11.16
CA LYS B 43 -11.92 -12.50 -10.10
C LYS B 43 -11.18 -13.75 -9.59
N GLY B 44 -11.87 -14.49 -8.71
CA GLY B 44 -11.38 -15.74 -8.15
C GLY B 44 -12.15 -16.89 -8.80
N LEU B 45 -12.34 -17.98 -8.05
CA LEU B 45 -13.04 -19.13 -8.57
C LEU B 45 -14.57 -19.14 -8.52
N GLU B 46 -15.16 -19.62 -9.61
CA GLU B 46 -16.60 -19.75 -9.71
C GLU B 46 -16.94 -21.17 -10.12
N TRP B 47 -17.66 -21.88 -9.27
CA TRP B 47 -18.06 -23.26 -9.55
C TRP B 47 -19.23 -23.21 -10.52
N LEU B 48 -19.18 -24.07 -11.52
CA LEU B 48 -20.22 -24.13 -12.56
C LEU B 48 -21.08 -25.38 -12.43
N GLY B 49 -20.44 -26.53 -12.33
CA GLY B 49 -21.17 -27.77 -12.22
C GLY B 49 -20.33 -28.99 -11.98
N VAL B 50 -20.99 -30.16 -11.95
CA VAL B 50 -20.31 -31.43 -11.71
C VAL B 50 -21.08 -32.62 -12.25
N ILE B 51 -20.36 -33.66 -12.61
CA ILE B 51 -20.96 -34.92 -12.99
C ILE B 51 -20.32 -35.95 -12.06
N TRP B 52 -21.14 -36.48 -11.16
CA TRP B 52 -20.67 -37.49 -10.22
C TRP B 52 -20.42 -38.86 -10.86
N SER B 53 -19.74 -39.71 -10.10
CA SER B 53 -19.39 -41.07 -10.54
C SER B 53 -20.59 -41.84 -11.10
N GLY B 54 -21.71 -41.69 -10.41
CA GLY B 54 -22.95 -42.36 -10.77
C GLY B 54 -23.71 -41.77 -11.96
N GLY B 55 -23.25 -40.65 -12.50
CA GLY B 55 -23.90 -40.01 -13.64
C GLY B 55 -24.77 -38.81 -13.27
N GLY B 56 -25.02 -38.66 -11.97
CA GLY B 56 -25.81 -37.56 -11.44
C GLY B 56 -25.09 -36.23 -11.63
N THR B 57 -25.86 -35.16 -11.77
CA THR B 57 -25.28 -33.83 -11.98
C THR B 57 -25.82 -32.78 -11.00
N ALA B 58 -25.10 -31.66 -10.89
CA ALA B 58 -25.47 -30.52 -10.05
C ALA B 58 -24.84 -29.31 -10.72
N TYR B 59 -25.54 -28.18 -10.70
CA TYR B 59 -25.06 -26.95 -11.34
C TYR B 59 -25.37 -25.75 -10.44
N THR B 60 -24.69 -24.64 -10.69
CA THR B 60 -24.95 -23.38 -9.99
C THR B 60 -26.29 -22.90 -10.64
N ALA B 61 -27.28 -22.57 -9.81
CA ALA B 61 -28.62 -22.13 -10.24
C ALA B 61 -28.74 -21.29 -11.52
N ALA B 62 -27.93 -20.23 -11.62
CA ALA B 62 -27.95 -19.31 -12.78
C ALA B 62 -27.54 -19.95 -14.12
N PHE B 63 -26.94 -21.14 -14.04
CA PHE B 63 -26.46 -21.85 -15.22
C PHE B 63 -27.29 -23.02 -15.73
N ILE B 64 -28.34 -23.41 -15.00
CA ILE B 64 -29.20 -24.56 -15.34
C ILE B 64 -29.61 -24.65 -16.81
N SER B 65 -30.11 -23.54 -17.36
CA SER B 65 -30.55 -23.48 -18.75
C SER B 65 -29.49 -23.31 -19.82
N ARG B 66 -28.32 -22.84 -19.42
CA ARG B 66 -27.24 -22.61 -20.37
C ARG B 66 -26.05 -23.57 -20.32
N LEU B 67 -25.98 -24.37 -19.26
CA LEU B 67 -24.86 -25.29 -19.06
C LEU B 67 -25.22 -26.75 -18.87
N ASN B 68 -24.48 -27.62 -19.58
CA ASN B 68 -24.65 -29.06 -19.45
C ASN B 68 -23.29 -29.72 -19.39
N ILE B 69 -23.22 -30.74 -18.54
CA ILE B 69 -22.04 -31.56 -18.35
C ILE B 69 -22.50 -33.01 -18.45
N TYR B 70 -21.88 -33.76 -19.35
CA TYR B 70 -22.20 -35.17 -19.53
C TYR B 70 -20.90 -35.94 -19.76
N LYS B 71 -21.00 -37.27 -19.82
CA LYS B 71 -19.78 -38.04 -20.01
C LYS B 71 -19.96 -39.36 -20.77
N ASP B 72 -18.81 -39.96 -21.09
CA ASP B 72 -18.75 -41.26 -21.74
C ASP B 72 -17.68 -41.98 -20.94
N ASN B 73 -18.12 -42.84 -20.02
CA ASN B 73 -17.27 -43.63 -19.14
C ASN B 73 -16.22 -44.48 -19.86
N SER B 74 -16.63 -45.08 -20.99
CA SER B 74 -15.75 -45.95 -21.80
C SER B 74 -14.64 -45.22 -22.54
N LYS B 75 -14.84 -43.92 -22.78
CA LYS B 75 -13.85 -43.10 -23.47
C LYS B 75 -13.07 -42.27 -22.46
N ASN B 76 -13.43 -42.37 -21.19
CA ASN B 76 -12.83 -41.60 -20.11
C ASN B 76 -12.83 -40.08 -20.39
N GLN B 77 -13.96 -39.61 -20.94
CA GLN B 77 -14.13 -38.21 -21.31
C GLN B 77 -15.37 -37.58 -20.72
N VAL B 78 -15.20 -36.35 -20.27
CA VAL B 78 -16.25 -35.54 -19.69
C VAL B 78 -16.41 -34.40 -20.66
N PHE B 79 -17.65 -34.03 -20.95
CA PHE B 79 -17.91 -32.96 -21.89
C PHE B 79 -18.65 -31.80 -21.24
N PHE B 80 -18.11 -30.60 -21.44
CA PHE B 80 -18.68 -29.36 -20.93
C PHE B 80 -19.24 -28.68 -22.15
N GLU B 81 -20.49 -28.23 -22.02
CA GLU B 81 -21.16 -27.51 -23.09
C GLU B 81 -22.01 -26.38 -22.53
N MET B 82 -21.67 -25.16 -22.90
CA MET B 82 -22.39 -23.97 -22.44
C MET B 82 -22.83 -23.11 -23.60
N ASN B 83 -24.07 -22.60 -23.53
CA ASN B 83 -24.59 -21.75 -24.60
C ASN B 83 -24.77 -20.31 -24.16
N SER B 84 -25.07 -19.44 -25.13
CA SER B 84 -25.33 -18.00 -24.92
C SER B 84 -24.20 -17.24 -24.18
N LEU B 85 -22.96 -17.43 -24.62
CA LEU B 85 -21.81 -16.78 -24.00
C LEU B 85 -21.81 -15.27 -24.17
N GLN B 86 -21.35 -14.58 -23.14
CA GLN B 86 -21.27 -13.12 -23.10
C GLN B 86 -19.85 -12.72 -22.76
N ALA B 87 -19.53 -11.43 -22.94
CA ALA B 87 -18.21 -10.89 -22.65
C ALA B 87 -17.68 -11.29 -21.26
N ASN B 88 -18.56 -11.27 -20.26
CA ASN B 88 -18.15 -11.63 -18.90
C ASN B 88 -17.94 -13.15 -18.67
N ASP B 89 -18.10 -13.95 -19.73
CA ASP B 89 -17.85 -15.39 -19.63
C ASP B 89 -16.40 -15.68 -20.01
N THR B 90 -15.65 -14.62 -20.35
CA THR B 90 -14.22 -14.75 -20.70
C THR B 90 -13.52 -15.20 -19.40
N ALA B 91 -12.85 -16.35 -19.49
CA ALA B 91 -12.18 -16.94 -18.35
C ALA B 91 -11.36 -18.16 -18.72
N MET B 92 -10.68 -18.68 -17.71
CA MET B 92 -9.91 -19.90 -17.79
C MET B 92 -10.86 -20.93 -17.14
N TYR B 93 -11.27 -21.95 -17.91
CA TYR B 93 -12.18 -23.03 -17.49
C TYR B 93 -11.36 -24.28 -17.18
N TYR B 94 -11.67 -24.89 -16.04
CA TYR B 94 -10.96 -26.06 -15.58
C TYR B 94 -11.92 -27.18 -15.24
N CYS B 95 -11.44 -28.41 -15.42
CA CYS B 95 -12.19 -29.56 -14.98
C CYS B 95 -11.34 -30.06 -13.80
N ALA B 96 -12.01 -30.54 -12.75
CA ALA B 96 -11.32 -31.03 -11.56
C ALA B 96 -11.97 -32.29 -11.04
N ARG B 97 -11.14 -33.25 -10.65
CA ARG B 97 -11.64 -34.52 -10.12
C ARG B 97 -11.94 -34.38 -8.62
N ARG B 98 -12.90 -35.17 -8.14
CA ARG B 98 -13.27 -35.23 -6.72
C ARG B 98 -13.93 -36.57 -6.43
N GLY B 99 -13.33 -37.30 -5.49
CA GLY B 99 -13.84 -38.62 -5.14
C GLY B 99 -14.82 -38.60 -4.00
N SER B 100 -15.24 -39.80 -3.61
CA SER B 100 -16.14 -40.02 -2.49
C SER B 100 -15.19 -40.24 -1.30
N TYR B 101 -15.71 -40.11 -0.07
CA TYR B 101 -14.94 -40.32 1.17
C TYR B 101 -14.17 -41.67 1.11
N PRO B 102 -12.88 -41.71 1.52
CA PRO B 102 -11.99 -40.65 2.05
C PRO B 102 -11.23 -39.81 1.03
N TYR B 103 -11.64 -39.90 -0.24
CA TYR B 103 -11.00 -39.18 -1.35
C TYR B 103 -11.81 -37.93 -1.78
N ASN B 104 -12.66 -37.43 -0.88
CA ASN B 104 -13.52 -36.28 -1.14
C ASN B 104 -12.87 -34.91 -1.03
N TYR B 105 -11.98 -34.64 -1.98
CA TYR B 105 -11.25 -33.38 -2.09
C TYR B 105 -11.01 -33.14 -3.57
N PHE B 106 -10.87 -31.88 -3.96
CA PHE B 106 -10.59 -31.52 -5.36
C PHE B 106 -9.08 -31.67 -5.50
N ASP B 107 -8.58 -32.90 -5.54
CA ASP B 107 -7.13 -33.08 -5.60
C ASP B 107 -6.36 -32.75 -6.88
N VAL B 108 -6.80 -33.29 -8.02
CA VAL B 108 -6.12 -33.06 -9.29
C VAL B 108 -7.00 -32.30 -10.24
N TRP B 109 -6.38 -31.30 -10.88
CA TRP B 109 -7.04 -30.38 -11.80
C TRP B 109 -6.41 -30.41 -13.16
N GLY B 110 -7.18 -30.01 -14.16
CA GLY B 110 -6.66 -29.89 -15.52
C GLY B 110 -5.90 -28.57 -15.60
N GLN B 111 -5.07 -28.41 -16.63
CA GLN B 111 -4.26 -27.20 -16.86
C GLN B 111 -5.06 -25.93 -17.25
N GLY B 112 -6.34 -26.11 -17.59
CA GLY B 112 -7.18 -24.99 -17.96
C GLY B 112 -7.31 -24.70 -19.44
N THR B 113 -8.50 -24.26 -19.84
CA THR B 113 -8.78 -23.89 -21.22
C THR B 113 -9.04 -22.37 -21.22
N THR B 114 -8.24 -21.62 -21.99
CA THR B 114 -8.40 -20.16 -22.07
C THR B 114 -9.51 -19.82 -23.07
N VAL B 115 -10.58 -19.21 -22.54
CA VAL B 115 -11.72 -18.85 -23.37
C VAL B 115 -11.90 -17.34 -23.43
N THR B 116 -11.91 -16.82 -24.66
CA THR B 116 -12.10 -15.40 -24.90
C THR B 116 -13.41 -15.21 -25.65
N VAL B 117 -14.29 -14.42 -25.06
CA VAL B 117 -15.57 -14.12 -25.70
C VAL B 117 -15.41 -12.71 -26.24
N SER B 118 -15.30 -12.63 -27.57
CA SER B 118 -15.06 -11.36 -28.25
C SER B 118 -15.56 -11.30 -29.70
N SER B 119 -15.98 -10.10 -30.09
CA SER B 119 -16.44 -9.81 -31.45
C SER B 119 -15.27 -9.14 -32.16
N ALA B 120 -14.09 -9.18 -31.55
CA ALA B 120 -12.90 -8.55 -32.14
C ALA B 120 -12.16 -9.44 -33.12
N LYS B 121 -11.43 -8.79 -34.00
CA LYS B 121 -10.65 -9.42 -35.07
C LYS B 121 -9.45 -10.23 -34.54
N THR B 122 -9.37 -11.49 -35.00
CA THR B 122 -8.31 -12.42 -34.66
C THR B 122 -7.10 -12.02 -35.52
N THR B 123 -6.01 -11.68 -34.84
CA THR B 123 -4.78 -11.23 -35.47
C THR B 123 -3.62 -12.21 -35.25
N PRO B 124 -2.93 -12.65 -36.34
CA PRO B 124 -1.80 -13.58 -36.21
C PRO B 124 -0.57 -12.85 -35.67
N PRO B 125 0.35 -13.58 -35.00
CA PRO B 125 1.54 -12.88 -34.49
C PRO B 125 2.66 -12.78 -35.53
N SER B 126 3.37 -11.68 -35.49
CA SER B 126 4.52 -11.47 -36.36
C SER B 126 5.73 -11.90 -35.49
N VAL B 127 6.35 -13.00 -35.90
CA VAL B 127 7.49 -13.59 -35.20
C VAL B 127 8.83 -13.12 -35.78
N TYR B 128 9.66 -12.56 -34.89
CA TYR B 128 10.96 -12.00 -35.26
C TYR B 128 12.13 -12.56 -34.44
N PRO B 129 13.21 -13.01 -35.12
CA PRO B 129 14.38 -13.55 -34.42
C PRO B 129 15.22 -12.44 -33.78
N LEU B 130 15.63 -12.65 -32.54
CA LEU B 130 16.46 -11.67 -31.84
C LEU B 130 17.85 -12.24 -31.58
N ALA B 131 18.83 -11.71 -32.30
CA ALA B 131 20.23 -12.10 -32.17
C ALA B 131 20.92 -10.90 -31.50
N PRO B 132 22.02 -11.12 -30.72
CA PRO B 132 22.71 -10.00 -30.08
C PRO B 132 23.39 -9.10 -31.13
N GLY B 133 23.52 -7.81 -30.81
CA GLY B 133 24.14 -6.87 -31.73
C GLY B 133 25.64 -7.01 -31.85
N SER B 134 26.22 -7.56 -30.79
CA SER B 134 27.66 -7.77 -30.69
C SER B 134 27.98 -9.27 -30.71
N ALA B 135 29.14 -9.61 -31.26
CA ALA B 135 29.60 -11.00 -31.33
C ALA B 135 30.08 -11.40 -29.93
N ALA B 136 29.90 -12.69 -29.61
CA ALA B 136 30.28 -13.21 -28.31
C ALA B 136 31.77 -13.38 -28.14
N GLN B 137 32.21 -13.38 -26.88
CA GLN B 137 33.60 -13.56 -26.53
C GLN B 137 33.91 -15.05 -26.69
N THR B 138 35.17 -15.37 -26.97
CA THR B 138 35.60 -16.75 -27.16
C THR B 138 35.35 -17.54 -25.87
N ASN B 139 34.66 -18.67 -26.03
CA ASN B 139 34.27 -19.59 -24.95
C ASN B 139 33.43 -18.88 -23.86
N SER B 140 32.16 -18.56 -24.18
CA SER B 140 31.23 -17.86 -23.28
C SER B 140 29.75 -18.26 -23.45
N MET B 141 28.83 -17.50 -22.85
CA MET B 141 27.39 -17.75 -22.97
C MET B 141 26.72 -16.69 -23.85
N VAL B 142 25.83 -17.13 -24.74
CA VAL B 142 25.10 -16.21 -25.62
C VAL B 142 23.60 -16.32 -25.32
N THR B 143 22.91 -15.18 -25.34
CA THR B 143 21.47 -15.16 -25.11
C THR B 143 20.79 -14.71 -26.39
N LEU B 144 20.00 -15.62 -26.97
CA LEU B 144 19.25 -15.43 -28.21
C LEU B 144 17.78 -15.27 -27.88
N GLY B 145 17.03 -14.56 -28.72
CA GLY B 145 15.63 -14.32 -28.44
C GLY B 145 14.65 -14.51 -29.57
N CYS B 146 13.37 -14.29 -29.24
CA CYS B 146 12.27 -14.43 -30.19
C CYS B 146 11.14 -13.51 -29.79
N LEU B 147 10.75 -12.62 -30.70
CA LEU B 147 9.67 -11.67 -30.47
C LEU B 147 8.38 -12.13 -31.13
N VAL B 148 7.31 -12.19 -30.33
CA VAL B 148 5.99 -12.62 -30.78
C VAL B 148 5.13 -11.36 -30.65
N LYS B 149 5.09 -10.59 -31.74
CA LYS B 149 4.37 -9.31 -31.76
C LYS B 149 3.00 -9.22 -32.42
N GLY B 150 2.12 -8.51 -31.73
CA GLY B 150 0.77 -8.23 -32.20
C GLY B 150 -0.20 -9.35 -32.48
N TYR B 151 -0.67 -10.01 -31.43
CA TYR B 151 -1.64 -11.08 -31.59
C TYR B 151 -2.87 -10.87 -30.73
N PHE B 152 -3.94 -11.55 -31.12
CA PHE B 152 -5.21 -11.56 -30.42
C PHE B 152 -5.91 -12.84 -30.91
N PRO B 153 -6.38 -13.71 -29.98
CA PRO B 153 -6.30 -13.61 -28.52
C PRO B 153 -5.21 -14.49 -27.89
N GLU B 154 -5.21 -14.52 -26.56
CA GLU B 154 -4.30 -15.35 -25.79
C GLU B 154 -4.82 -16.81 -25.95
N PRO B 155 -3.93 -17.82 -25.88
CA PRO B 155 -2.48 -17.84 -25.68
C PRO B 155 -1.63 -18.15 -26.90
N VAL B 156 -0.33 -18.22 -26.66
CA VAL B 156 0.70 -18.52 -27.64
C VAL B 156 1.63 -19.53 -26.94
N THR B 157 2.17 -20.47 -27.70
CA THR B 157 3.10 -21.47 -27.20
C THR B 157 4.45 -21.27 -27.91
N VAL B 158 5.52 -21.16 -27.13
CA VAL B 158 6.84 -20.97 -27.68
C VAL B 158 7.76 -22.07 -27.18
N THR B 159 8.44 -22.73 -28.12
CA THR B 159 9.43 -23.76 -27.79
C THR B 159 10.69 -23.38 -28.53
N TRP B 160 11.78 -24.08 -28.20
CA TRP B 160 13.09 -23.85 -28.79
C TRP B 160 13.64 -25.20 -29.22
N ASN B 161 13.99 -25.31 -30.52
CA ASN B 161 14.48 -26.54 -31.15
C ASN B 161 13.53 -27.71 -30.92
N SER B 162 12.24 -27.40 -31.10
CA SER B 162 11.09 -28.30 -30.95
C SER B 162 10.85 -28.87 -29.56
N GLY B 163 11.38 -28.20 -28.54
CA GLY B 163 11.22 -28.64 -27.16
C GLY B 163 12.48 -29.23 -26.58
N SER B 164 13.52 -29.40 -27.42
CA SER B 164 14.82 -29.96 -27.01
C SER B 164 15.51 -29.07 -25.98
N LEU B 165 15.35 -27.75 -26.12
CA LEU B 165 15.97 -26.81 -25.20
C LEU B 165 14.96 -26.33 -24.17
N SER B 166 15.35 -26.38 -22.90
CA SER B 166 14.45 -25.95 -21.82
C SER B 166 15.14 -25.29 -20.62
N SER B 167 16.27 -25.84 -20.19
CA SER B 167 17.02 -25.34 -19.02
C SER B 167 17.43 -23.86 -19.01
N GLY B 168 17.80 -23.33 -20.17
CA GLY B 168 18.19 -21.94 -20.29
C GLY B 168 17.11 -21.06 -20.91
N VAL B 169 15.87 -21.58 -20.94
CA VAL B 169 14.74 -20.87 -21.52
C VAL B 169 13.91 -20.06 -20.54
N HIS B 170 13.54 -18.85 -20.98
CA HIS B 170 12.69 -17.94 -20.24
C HIS B 170 11.64 -17.43 -21.23
N THR B 171 10.36 -17.62 -20.90
CA THR B 171 9.25 -17.16 -21.75
C THR B 171 8.44 -16.21 -20.87
N PHE B 172 8.50 -14.94 -21.25
CA PHE B 172 7.91 -13.80 -20.57
C PHE B 172 6.42 -13.49 -20.76
N PRO B 173 5.74 -13.00 -19.70
CA PRO B 173 4.32 -12.64 -19.74
C PRO B 173 4.04 -11.60 -20.81
N ALA B 174 2.85 -11.71 -21.41
CA ALA B 174 2.41 -10.82 -22.47
C ALA B 174 2.06 -9.43 -21.97
N VAL B 175 2.23 -8.46 -22.87
CA VAL B 175 1.92 -7.08 -22.59
C VAL B 175 0.82 -6.67 -23.59
N LEU B 176 0.02 -5.66 -23.26
CA LEU B 176 -1.09 -5.19 -24.13
C LEU B 176 -0.82 -3.89 -24.90
N GLN B 177 -0.29 -4.02 -26.11
CA GLN B 177 0.03 -2.88 -26.99
C GLN B 177 -1.16 -2.58 -27.91
N SER B 178 -2.14 -1.82 -27.37
CA SER B 178 -3.38 -1.38 -28.05
C SER B 178 -4.25 -2.49 -28.66
N ASP B 179 -5.03 -3.17 -27.81
CA ASP B 179 -5.93 -4.29 -28.19
C ASP B 179 -5.18 -5.57 -28.64
N LEU B 180 -3.86 -5.49 -28.76
CA LEU B 180 -3.03 -6.61 -29.21
C LEU B 180 -1.97 -7.00 -28.17
N TYR B 181 -1.65 -8.29 -28.11
CA TYR B 181 -0.65 -8.79 -27.16
C TYR B 181 0.72 -9.01 -27.79
N THR B 182 1.74 -8.90 -26.95
CA THR B 182 3.14 -9.09 -27.36
C THR B 182 3.92 -9.73 -26.22
N LEU B 183 4.67 -10.80 -26.55
CA LEU B 183 5.55 -11.47 -25.60
C LEU B 183 6.87 -11.81 -26.28
N SER B 184 7.83 -12.24 -25.46
CA SER B 184 9.13 -12.65 -25.95
C SER B 184 9.63 -13.85 -25.16
N SER B 185 10.56 -14.57 -25.80
CA SER B 185 11.18 -15.74 -25.19
C SER B 185 12.68 -15.69 -25.49
N SER B 186 13.49 -16.14 -24.54
CA SER B 186 14.94 -16.19 -24.70
C SER B 186 15.48 -17.55 -24.31
N VAL B 187 16.65 -17.88 -24.86
CA VAL B 187 17.36 -19.11 -24.57
C VAL B 187 18.84 -18.76 -24.47
N THR B 188 19.45 -19.21 -23.38
CA THR B 188 20.87 -18.97 -23.16
C THR B 188 21.61 -20.29 -23.40
N VAL B 189 22.49 -20.26 -24.39
CA VAL B 189 23.27 -21.43 -24.82
C VAL B 189 24.78 -21.09 -24.89
N PRO B 190 25.68 -22.12 -24.85
CA PRO B 190 27.11 -21.80 -24.94
C PRO B 190 27.47 -21.34 -26.36
N SER B 191 28.48 -20.47 -26.46
CA SER B 191 28.95 -19.94 -27.75
C SER B 191 29.47 -21.02 -28.71
N SER B 192 29.75 -22.21 -28.16
CA SER B 192 30.22 -23.35 -28.95
C SER B 192 29.02 -24.05 -29.63
N THR B 193 27.81 -23.74 -29.16
CA THR B 193 26.60 -24.32 -29.72
C THR B 193 26.11 -23.45 -30.88
N TRP B 194 26.04 -22.14 -30.67
CA TRP B 194 25.55 -21.19 -31.69
C TRP B 194 26.68 -20.22 -32.04
N PRO B 195 26.88 -19.86 -33.35
CA PRO B 195 26.21 -20.20 -34.64
C PRO B 195 26.58 -21.52 -35.28
N SER B 196 27.46 -22.27 -34.62
CA SER B 196 27.95 -23.59 -35.06
C SER B 196 26.78 -24.52 -35.39
N GLU B 197 25.83 -24.61 -34.46
CA GLU B 197 24.64 -25.43 -34.61
C GLU B 197 23.41 -24.54 -34.77
N THR B 198 22.34 -25.14 -35.26
CA THR B 198 21.07 -24.46 -35.51
C THR B 198 20.20 -24.30 -34.25
N VAL B 199 19.79 -23.06 -33.98
CA VAL B 199 18.90 -22.76 -32.86
C VAL B 199 17.66 -22.12 -33.47
N THR B 200 16.52 -22.74 -33.21
CA THR B 200 15.24 -22.30 -33.77
C THR B 200 14.14 -22.11 -32.74
N CYS B 201 13.43 -21.00 -32.91
CA CYS B 201 12.29 -20.61 -32.10
C CYS B 201 11.03 -21.12 -32.82
N ASN B 202 10.17 -21.86 -32.12
CA ASN B 202 8.91 -22.39 -32.72
C ASN B 202 7.74 -21.72 -31.99
N VAL B 203 6.92 -21.00 -32.76
CA VAL B 203 5.78 -20.28 -32.19
C VAL B 203 4.44 -20.75 -32.74
N ALA B 204 3.50 -20.98 -31.84
CA ALA B 204 2.15 -21.42 -32.20
C ALA B 204 1.06 -20.53 -31.63
N HIS B 205 0.09 -20.18 -32.47
CA HIS B 205 -1.06 -19.36 -32.07
C HIS B 205 -2.27 -20.08 -32.68
N PRO B 206 -2.95 -20.95 -31.88
CA PRO B 206 -4.12 -21.73 -32.31
C PRO B 206 -5.28 -20.99 -33.00
N ALA B 207 -5.71 -19.88 -32.39
CA ALA B 207 -6.83 -19.07 -32.87
C ALA B 207 -6.73 -18.48 -34.28
N SER B 208 -5.51 -18.30 -34.78
CA SER B 208 -5.31 -17.74 -36.12
C SER B 208 -4.68 -18.75 -37.08
N SER B 209 -4.59 -20.01 -36.62
CA SER B 209 -4.04 -21.14 -37.38
C SER B 209 -2.57 -20.96 -37.82
N THR B 210 -1.80 -20.22 -37.03
CA THR B 210 -0.39 -19.97 -37.32
C THR B 210 0.60 -20.80 -36.49
N LYS B 211 1.57 -21.36 -37.20
CA LYS B 211 2.64 -22.19 -36.63
C LYS B 211 3.88 -21.86 -37.47
N VAL B 212 4.76 -21.03 -36.90
CA VAL B 212 6.00 -20.62 -37.57
C VAL B 212 7.29 -20.97 -36.81
N ASP B 213 8.36 -21.16 -37.59
CA ASP B 213 9.68 -21.50 -37.08
C ASP B 213 10.63 -20.43 -37.55
N LYS B 214 11.31 -19.76 -36.62
CA LYS B 214 12.25 -18.70 -36.97
C LYS B 214 13.66 -19.02 -36.47
N LYS B 215 14.55 -19.31 -37.42
CA LYS B 215 15.95 -19.64 -37.16
C LYS B 215 16.74 -18.39 -36.80
N ILE B 216 17.47 -18.46 -35.69
CA ILE B 216 18.28 -17.34 -35.22
C ILE B 216 19.64 -17.35 -35.93
N VAL B 217 19.87 -16.32 -36.74
CA VAL B 217 21.11 -16.15 -37.52
C VAL B 217 21.85 -14.89 -37.03
N PRO B 218 23.21 -14.85 -37.11
CA PRO B 218 23.98 -13.67 -36.65
C PRO B 218 23.60 -12.30 -37.22
N ARG B 219 23.89 -11.27 -36.41
CA ARG B 219 23.66 -9.82 -36.63
C ARG B 219 22.22 -9.33 -36.53
N GLN C 1 -15.46 23.58 -6.76
CA GLN C 1 -16.37 22.97 -7.78
C GLN C 1 -16.42 21.45 -7.57
N ALA C 2 -15.35 20.76 -8.00
CA ALA C 2 -15.23 19.32 -7.88
C ALA C 2 -15.02 18.88 -6.44
N VAL C 3 -15.64 17.75 -6.08
CA VAL C 3 -15.53 17.18 -4.74
C VAL C 3 -14.92 15.77 -4.88
N VAL C 4 -13.92 15.49 -4.07
CA VAL C 4 -13.26 14.18 -4.07
C VAL C 4 -13.75 13.44 -2.81
N THR C 5 -14.29 12.24 -2.99
CA THR C 5 -14.86 11.47 -1.90
C THR C 5 -14.12 10.18 -1.57
N GLN C 6 -13.83 10.02 -0.28
CA GLN C 6 -13.14 8.86 0.26
C GLN C 6 -14.01 8.30 1.40
N GLU C 7 -13.79 7.04 1.75
CA GLU C 7 -14.52 6.44 2.87
C GLU C 7 -14.12 7.18 4.14
N SER C 8 -15.10 7.40 5.01
CA SER C 8 -14.88 8.11 6.27
C SER C 8 -13.84 7.42 7.15
N ALA C 9 -13.95 6.11 7.28
CA ALA C 9 -13.04 5.29 8.10
C ALA C 9 -13.14 3.84 7.75
N LEU C 10 -12.01 3.13 7.88
CA LEU C 10 -11.95 1.69 7.60
C LEU C 10 -11.15 1.03 8.72
N THR C 11 -11.30 -0.29 8.84
CA THR C 11 -10.58 -1.08 9.85
C THR C 11 -9.88 -2.25 9.16
N THR C 12 -8.88 -2.79 9.83
CA THR C 12 -8.12 -3.94 9.33
C THR C 12 -7.32 -4.53 10.48
N SER C 13 -6.96 -5.80 10.35
CA SER C 13 -6.16 -6.49 11.37
C SER C 13 -4.75 -6.68 10.81
N PRO C 14 -3.73 -6.82 11.70
CA PRO C 14 -2.34 -6.99 11.22
C PRO C 14 -2.13 -8.15 10.25
N GLY C 15 -1.39 -7.86 9.18
CA GLY C 15 -1.09 -8.85 8.16
C GLY C 15 -2.08 -8.90 7.01
N GLU C 16 -3.25 -8.29 7.19
CA GLU C 16 -4.29 -8.27 6.16
C GLU C 16 -4.05 -7.16 5.14
N THR C 17 -4.80 -7.22 4.04
CA THR C 17 -4.73 -6.20 3.01
C THR C 17 -6.04 -5.40 3.03
N VAL C 18 -5.89 -4.08 2.98
CA VAL C 18 -7.03 -3.17 2.97
C VAL C 18 -6.89 -2.21 1.78
N THR C 19 -8.02 -1.87 1.15
CA THR C 19 -8.04 -0.97 0.01
C THR C 19 -8.90 0.23 0.33
N LEU C 20 -8.34 1.41 0.14
CA LEU C 20 -9.06 2.67 0.36
C LEU C 20 -9.30 3.23 -1.04
N THR C 21 -10.46 3.84 -1.26
CA THR C 21 -10.79 4.37 -2.57
C THR C 21 -11.00 5.88 -2.60
N CYS C 22 -10.94 6.43 -3.81
CA CYS C 22 -11.03 7.87 -4.06
C CYS C 22 -11.86 8.12 -5.31
N ARG C 23 -13.04 8.71 -5.09
CA ARG C 23 -14.00 9.02 -6.15
C ARG C 23 -14.06 10.49 -6.54
N SER C 24 -14.19 10.73 -7.84
CA SER C 24 -14.31 12.08 -8.39
C SER C 24 -15.80 12.38 -8.57
N SER C 25 -16.18 13.63 -8.33
CA SER C 25 -17.56 14.08 -8.52
C SER C 25 -17.94 14.31 -9.99
N THR C 26 -16.91 14.51 -10.84
CA THR C 26 -17.13 14.78 -12.26
C THR C 26 -17.38 13.53 -13.10
N GLY C 27 -17.09 12.38 -12.51
CA GLY C 27 -17.26 11.11 -13.19
C GLY C 27 -16.10 10.22 -12.82
N ALA C 28 -15.69 9.37 -13.75
CA ALA C 28 -14.59 8.44 -13.54
C ALA C 28 -13.22 9.08 -13.31
N VAL C 29 -12.44 8.49 -12.41
CA VAL C 29 -11.07 8.95 -12.16
C VAL C 29 -10.27 8.33 -13.30
N THR C 30 -9.48 9.16 -13.97
CA THR C 30 -8.65 8.74 -15.10
C THR C 30 -7.17 8.93 -14.78
N THR C 31 -6.30 8.48 -15.70
CA THR C 31 -4.84 8.65 -15.57
C THR C 31 -4.54 10.16 -15.53
N SER C 32 -5.42 10.91 -16.20
CA SER C 32 -5.37 12.37 -16.29
C SER C 32 -5.63 13.13 -14.98
N ASN C 33 -6.16 12.44 -13.97
CA ASN C 33 -6.40 13.01 -12.65
C ASN C 33 -5.17 12.89 -11.75
N TYR C 34 -4.18 12.10 -12.20
CA TYR C 34 -2.91 11.88 -11.52
C TYR C 34 -3.03 11.75 -9.99
N ALA C 35 -3.79 10.74 -9.58
CA ALA C 35 -4.08 10.46 -8.19
C ALA C 35 -2.88 10.26 -7.29
N ASN C 36 -2.82 11.09 -6.24
CA ASN C 36 -1.77 11.05 -5.24
C ASN C 36 -2.34 10.60 -3.91
N TRP C 37 -1.51 9.99 -3.08
CA TRP C 37 -1.93 9.56 -1.75
C TRP C 37 -0.93 10.07 -0.74
N VAL C 38 -1.45 10.63 0.34
CA VAL C 38 -0.65 11.20 1.43
C VAL C 38 -1.18 10.65 2.77
N GLN C 39 -0.26 10.39 3.70
CA GLN C 39 -0.58 9.86 5.02
C GLN C 39 -0.37 10.91 6.12
N GLU C 40 -1.35 11.03 7.01
CA GLU C 40 -1.24 11.96 8.14
C GLU C 40 -1.04 11.14 9.40
N LYS C 41 0.10 11.35 10.04
CA LYS C 41 0.48 10.70 11.29
C LYS C 41 0.49 11.79 12.39
N PRO C 42 0.44 11.40 13.70
CA PRO C 42 0.45 12.33 14.83
C PRO C 42 1.48 13.43 14.80
N ASP C 43 1.05 14.59 15.32
CA ASP C 43 1.81 15.85 15.39
C ASP C 43 1.94 16.43 13.97
N HIS C 44 0.81 16.37 13.24
CA HIS C 44 0.67 16.87 11.86
C HIS C 44 1.76 16.48 10.86
N LEU C 45 2.26 15.25 10.96
CA LEU C 45 3.28 14.72 10.07
C LEU C 45 2.58 14.13 8.85
N PHE C 46 2.89 14.71 7.69
CA PHE C 46 2.32 14.25 6.43
C PHE C 46 3.41 13.59 5.60
N THR C 47 3.15 12.37 5.12
CA THR C 47 4.10 11.62 4.31
C THR C 47 3.44 11.13 3.04
N GLY C 48 4.00 11.54 1.88
CA GLY C 48 3.48 11.12 0.60
C GLY C 48 3.81 9.66 0.39
N LEU C 49 2.82 8.91 -0.04
CA LEU C 49 2.98 7.48 -0.25
C LEU C 49 3.01 7.08 -1.71
N ILE C 50 2.08 7.64 -2.48
CA ILE C 50 1.90 7.32 -3.90
C ILE C 50 1.76 8.58 -4.76
N GLY C 51 2.44 8.53 -5.91
CA GLY C 51 2.42 9.62 -6.86
C GLY C 51 1.45 9.48 -8.00
N GLY C 52 1.48 10.49 -8.87
CA GLY C 52 0.61 10.60 -10.03
C GLY C 52 0.58 9.48 -11.07
N ASN C 53 1.62 8.64 -11.09
CA ASN C 53 1.67 7.51 -12.03
C ASN C 53 1.95 6.24 -11.24
N ASN C 54 1.37 6.19 -10.04
CA ASN C 54 1.50 5.06 -9.10
C ASN C 54 2.91 4.79 -8.57
N ASN C 55 3.78 5.80 -8.71
CA ASN C 55 5.16 5.75 -8.26
C ASN C 55 5.18 5.87 -6.75
N ARG C 56 6.18 5.23 -6.16
CA ARG C 56 6.35 5.17 -4.73
C ARG C 56 7.70 5.81 -4.36
N PRO C 57 7.73 6.68 -3.34
CA PRO C 57 8.99 7.30 -2.92
C PRO C 57 9.87 6.27 -2.23
N PRO C 58 11.21 6.50 -2.20
CA PRO C 58 12.11 5.56 -1.53
C PRO C 58 11.83 5.76 -0.03
N GLY C 59 11.85 4.67 0.73
CA GLY C 59 11.57 4.76 2.14
C GLY C 59 10.13 4.39 2.43
N VAL C 60 9.26 4.46 1.41
CA VAL C 60 7.86 4.06 1.57
C VAL C 60 7.85 2.56 1.21
N PRO C 61 7.46 1.69 2.17
CA PRO C 61 7.40 0.23 1.97
C PRO C 61 6.67 -0.22 0.72
N ALA C 62 7.08 -1.35 0.17
CA ALA C 62 6.51 -1.90 -1.05
C ALA C 62 5.07 -2.37 -0.92
N ARG C 63 4.59 -2.45 0.32
CA ARG C 63 3.24 -2.87 0.62
C ARG C 63 2.18 -1.85 0.20
N PHE C 64 2.60 -0.59 0.03
CA PHE C 64 1.72 0.50 -0.40
C PHE C 64 1.72 0.53 -1.94
N SER C 65 0.55 0.47 -2.55
CA SER C 65 0.46 0.54 -4.01
C SER C 65 -0.78 1.29 -4.43
N GLY C 66 -0.69 1.96 -5.58
CA GLY C 66 -1.80 2.72 -6.11
C GLY C 66 -2.27 2.14 -7.41
N SER C 67 -3.56 2.27 -7.69
CA SER C 67 -4.14 1.78 -8.93
C SER C 67 -5.46 2.47 -9.16
N LEU C 68 -6.06 2.14 -10.29
CA LEU C 68 -7.36 2.62 -10.70
C LEU C 68 -8.18 1.35 -10.80
N ILE C 69 -9.23 1.26 -9.97
CA ILE C 69 -10.14 0.13 -9.97
C ILE C 69 -11.55 0.69 -10.06
N GLY C 70 -12.30 0.15 -11.03
CA GLY C 70 -13.65 0.65 -11.26
C GLY C 70 -13.47 2.05 -11.86
N ASP C 71 -14.23 2.99 -11.32
CA ASP C 71 -14.16 4.37 -11.76
C ASP C 71 -13.53 5.24 -10.67
N LYS C 72 -12.73 4.59 -9.81
CA LYS C 72 -12.08 5.25 -8.68
C LYS C 72 -10.58 4.99 -8.62
N ALA C 73 -9.89 5.83 -7.84
CA ALA C 73 -8.46 5.67 -7.61
C ALA C 73 -8.42 4.90 -6.30
N ALA C 74 -7.42 4.03 -6.14
CA ALA C 74 -7.28 3.19 -4.96
C ALA C 74 -5.88 3.05 -4.36
N LEU C 75 -5.82 3.04 -3.03
CA LEU C 75 -4.56 2.81 -2.32
C LEU C 75 -4.74 1.47 -1.64
N THR C 76 -3.86 0.55 -1.99
CA THR C 76 -3.87 -0.78 -1.42
C THR C 76 -2.71 -0.89 -0.42
N ILE C 77 -3.04 -1.26 0.82
CA ILE C 77 -2.02 -1.46 1.85
C ILE C 77 -1.98 -2.95 2.13
N ALA C 78 -0.97 -3.63 1.58
CA ALA C 78 -0.78 -5.07 1.77
C ALA C 78 -0.05 -5.27 3.10
N GLY C 79 -0.31 -6.40 3.77
CA GLY C 79 0.35 -6.69 5.05
C GLY C 79 0.37 -5.54 6.05
N THR C 80 -0.82 -5.09 6.43
CA THR C 80 -0.99 -3.95 7.33
C THR C 80 -0.31 -4.14 8.68
N GLN C 81 0.36 -3.09 9.13
CA GLN C 81 1.09 -3.07 10.39
C GLN C 81 0.42 -2.09 11.32
N THR C 82 0.72 -2.20 12.62
CA THR C 82 0.14 -1.31 13.62
C THR C 82 0.51 0.15 13.32
N GLU C 83 1.71 0.36 12.81
CA GLU C 83 2.18 1.71 12.46
C GLU C 83 1.51 2.33 11.22
N ASP C 84 0.60 1.59 10.59
CA ASP C 84 -0.13 2.10 9.42
C ASP C 84 -1.41 2.83 9.88
N GLU C 85 -1.70 2.79 11.18
CA GLU C 85 -2.86 3.47 11.75
C GLU C 85 -2.63 4.97 11.61
N ALA C 86 -3.42 5.58 10.72
CA ALA C 86 -3.27 6.99 10.38
C ALA C 86 -4.46 7.44 9.55
N ILE C 87 -4.42 8.70 9.10
CA ILE C 87 -5.45 9.27 8.23
C ILE C 87 -4.80 9.30 6.84
N TYR C 88 -5.56 8.92 5.82
CA TYR C 88 -5.09 8.84 4.44
C TYR C 88 -5.87 9.75 3.53
N PHE C 89 -5.17 10.69 2.90
CA PHE C 89 -5.78 11.64 1.95
C PHE C 89 -5.39 11.35 0.51
N CYS C 90 -6.35 11.48 -0.40
CA CYS C 90 -6.06 11.34 -1.81
C CYS C 90 -6.19 12.74 -2.39
N ALA C 91 -5.54 12.97 -3.52
CA ALA C 91 -5.60 14.27 -4.19
C ALA C 91 -5.70 14.02 -5.69
N LEU C 92 -6.64 14.70 -6.34
CA LEU C 92 -6.88 14.59 -7.78
C LEU C 92 -6.65 15.92 -8.52
N TRP C 93 -6.06 15.82 -9.71
CA TRP C 93 -5.75 16.99 -10.56
C TRP C 93 -6.89 17.24 -11.53
N TYR C 94 -7.35 18.49 -11.59
CA TYR C 94 -8.43 18.90 -12.48
C TYR C 94 -8.05 20.02 -13.46
N SER C 95 -7.17 19.69 -14.40
CA SER C 95 -6.65 20.57 -15.47
C SER C 95 -5.82 21.78 -15.05
N ASN C 96 -6.19 22.45 -13.95
CA ASN C 96 -5.48 23.63 -13.44
C ASN C 96 -5.47 23.79 -11.92
N HIS C 97 -5.90 22.75 -11.20
CA HIS C 97 -5.92 22.78 -9.72
C HIS C 97 -6.03 21.40 -9.09
N TRP C 98 -5.50 21.26 -7.87
CA TRP C 98 -5.59 20.00 -7.12
C TRP C 98 -6.71 20.12 -6.09
N VAL C 99 -7.39 19.00 -5.85
CA VAL C 99 -8.45 18.92 -4.84
C VAL C 99 -8.22 17.66 -4.00
N PHE C 100 -8.15 17.86 -2.69
CA PHE C 100 -7.98 16.79 -1.73
C PHE C 100 -9.30 16.15 -1.33
N GLY C 101 -9.24 14.85 -1.04
CA GLY C 101 -10.39 14.11 -0.54
C GLY C 101 -10.55 14.43 0.94
N GLY C 102 -11.68 14.07 1.54
CA GLY C 102 -11.93 14.35 2.95
C GLY C 102 -11.12 13.51 3.91
N GLY C 103 -10.46 12.48 3.37
CA GLY C 103 -9.61 11.60 4.16
C GLY C 103 -10.26 10.35 4.74
N THR C 104 -9.43 9.32 4.91
CA THR C 104 -9.84 8.04 5.48
C THR C 104 -9.02 7.73 6.72
N ARG C 105 -9.73 7.46 7.82
CA ARG C 105 -9.13 7.12 9.12
C ARG C 105 -8.99 5.59 9.17
N LEU C 106 -7.75 5.08 9.26
CA LEU C 106 -7.53 3.64 9.30
C LEU C 106 -7.23 3.17 10.72
N THR C 107 -8.09 2.29 11.23
CA THR C 107 -7.91 1.72 12.56
C THR C 107 -7.35 0.30 12.42
N VAL C 108 -6.30 0.01 13.19
CA VAL C 108 -5.70 -1.31 13.18
C VAL C 108 -6.20 -2.03 14.45
N LEU C 109 -6.95 -3.10 14.22
CA LEU C 109 -7.56 -3.93 15.27
C LEU C 109 -6.63 -4.84 16.04
N GLY C 110 -7.12 -5.32 17.18
CA GLY C 110 -6.37 -6.22 18.03
C GLY C 110 -5.23 -5.64 18.85
N GLN C 111 -5.09 -4.31 18.90
CA GLN C 111 -4.01 -3.70 19.68
C GLN C 111 -4.31 -3.88 21.18
N PRO C 112 -3.32 -4.33 21.99
CA PRO C 112 -3.53 -4.54 23.42
C PRO C 112 -3.91 -3.31 24.25
N LYS C 113 -4.72 -3.55 25.28
CA LYS C 113 -5.15 -2.50 26.21
C LYS C 113 -3.90 -2.02 26.94
N SER C 114 -3.84 -0.73 27.26
CA SER C 114 -2.68 -0.17 27.96
C SER C 114 -3.16 0.84 29.00
N SER C 115 -2.88 0.55 30.27
CA SER C 115 -3.26 1.41 31.39
C SER C 115 -2.43 2.71 31.38
N PRO C 116 -3.03 3.86 31.75
CA PRO C 116 -2.33 5.15 31.79
C PRO C 116 -1.17 5.31 32.75
N SER C 117 -0.12 5.98 32.27
CA SER C 117 1.04 6.28 33.09
C SER C 117 0.75 7.70 33.58
N VAL C 118 0.48 7.82 34.88
CA VAL C 118 0.10 9.07 35.52
C VAL C 118 1.19 9.64 36.41
N THR C 119 1.32 10.97 36.38
CA THR C 119 2.33 11.67 37.19
C THR C 119 1.69 12.98 37.63
N LEU C 120 1.73 13.26 38.94
CA LEU C 120 1.18 14.51 39.45
C LEU C 120 2.32 15.42 39.90
N PHE C 121 2.30 16.65 39.37
CA PHE C 121 3.32 17.63 39.66
C PHE C 121 2.84 18.81 40.51
N PRO C 122 3.65 19.23 41.52
CA PRO C 122 3.27 20.35 42.38
C PRO C 122 3.58 21.69 41.68
N PRO C 123 2.96 22.82 42.11
CA PRO C 123 3.28 24.10 41.46
C PRO C 123 4.69 24.51 41.85
N SER C 124 5.41 25.14 40.94
CA SER C 124 6.78 25.61 41.21
C SER C 124 6.71 26.81 42.17
N SER C 125 7.83 27.09 42.84
CA SER C 125 7.88 28.24 43.75
C SER C 125 7.81 29.55 42.95
N GLU C 126 8.33 29.49 41.72
CA GLU C 126 8.37 30.62 40.80
C GLU C 126 6.97 31.09 40.43
N GLU C 127 6.06 30.13 40.20
CA GLU C 127 4.66 30.43 39.89
C GLU C 127 3.94 30.93 41.14
N LEU C 128 4.27 30.36 42.30
CA LEU C 128 3.65 30.78 43.55
C LEU C 128 3.85 32.27 43.89
N GLU C 129 4.91 32.86 43.36
CA GLU C 129 5.22 34.29 43.55
C GLU C 129 4.31 35.22 42.77
N THR C 130 3.58 34.66 41.80
CA THR C 130 2.65 35.40 40.96
C THR C 130 1.25 35.28 41.54
N ASN C 131 1.16 34.63 42.72
CA ASN C 131 -0.06 34.39 43.50
C ASN C 131 -1.00 33.33 42.90
N LYS C 132 -0.41 32.48 42.04
CA LYS C 132 -1.12 31.42 41.36
C LYS C 132 -0.47 30.06 41.61
N ALA C 133 -1.28 29.01 41.56
CA ALA C 133 -0.82 27.63 41.76
C ALA C 133 -1.47 26.76 40.70
N THR C 134 -0.66 25.99 39.99
CA THR C 134 -1.17 25.09 38.96
C THR C 134 -0.56 23.73 39.22
N LEU C 135 -1.42 22.74 39.39
CA LEU C 135 -0.98 21.36 39.57
C LEU C 135 -1.19 20.73 38.20
N VAL C 136 -0.14 20.06 37.73
CA VAL C 136 -0.19 19.41 36.42
C VAL C 136 -0.21 17.89 36.60
N CYS C 137 -1.21 17.25 36.02
CA CYS C 137 -1.36 15.81 36.06
C CYS C 137 -1.20 15.31 34.64
N THR C 138 -0.06 14.71 34.33
CA THR C 138 0.21 14.21 32.98
C THR C 138 -0.26 12.78 32.92
N ILE C 139 -0.86 12.42 31.77
CA ILE C 139 -1.42 11.08 31.59
C ILE C 139 -0.96 10.59 30.23
N THR C 140 -0.15 9.54 30.19
CA THR C 140 0.36 9.02 28.91
C THR C 140 0.21 7.51 28.74
N ASP C 141 0.53 7.07 27.52
CA ASP C 141 0.51 5.66 27.14
C ASP C 141 -0.75 4.84 27.42
N PHE C 142 -1.92 5.46 27.23
CA PHE C 142 -3.16 4.73 27.43
C PHE C 142 -3.81 4.31 26.12
N TYR C 143 -4.37 3.10 26.11
CA TYR C 143 -5.05 2.53 24.95
C TYR C 143 -6.21 1.66 25.48
N PRO C 144 -7.47 1.88 25.02
CA PRO C 144 -8.03 2.86 24.06
C PRO C 144 -7.92 4.32 24.51
N GLY C 145 -8.06 5.23 23.55
CA GLY C 145 -7.95 6.65 23.79
C GLY C 145 -9.01 7.44 24.51
N VAL C 146 -9.49 6.92 25.66
CA VAL C 146 -10.48 7.60 26.45
C VAL C 146 -10.24 7.43 27.96
N VAL C 147 -10.14 8.56 28.64
CA VAL C 147 -9.96 8.61 30.08
C VAL C 147 -10.87 9.71 30.63
N THR C 148 -11.24 9.60 31.91
CA THR C 148 -12.00 10.63 32.60
C THR C 148 -11.13 11.03 33.79
N VAL C 149 -11.15 12.30 34.13
CA VAL C 149 -10.35 12.82 35.24
C VAL C 149 -11.20 13.48 36.33
N ASP C 150 -10.88 13.15 37.59
CA ASP C 150 -11.55 13.69 38.75
C ASP C 150 -10.45 14.15 39.72
N TRP C 151 -10.68 15.29 40.36
CA TRP C 151 -9.72 15.82 41.34
C TRP C 151 -10.34 15.87 42.73
N LYS C 152 -9.49 15.67 43.73
CA LYS C 152 -9.92 15.74 45.13
C LYS C 152 -8.94 16.52 45.99
N VAL C 153 -9.46 17.53 46.68
CA VAL C 153 -8.67 18.35 47.59
C VAL C 153 -9.20 18.10 49.01
N ASP C 154 -8.32 17.53 49.84
CA ASP C 154 -8.60 17.15 51.24
C ASP C 154 -9.72 16.12 51.34
N GLY C 155 -9.77 15.25 50.34
CA GLY C 155 -10.77 14.21 50.26
C GLY C 155 -12.06 14.63 49.57
N THR C 156 -12.27 15.94 49.44
CA THR C 156 -13.49 16.48 48.83
C THR C 156 -13.38 16.80 47.31
N PRO C 157 -14.37 16.34 46.48
CA PRO C 157 -14.36 16.58 45.02
C PRO C 157 -14.30 18.06 44.64
N VAL C 158 -13.40 18.40 43.70
CA VAL C 158 -13.27 19.79 43.27
C VAL C 158 -14.32 20.07 42.18
N THR C 159 -14.92 21.25 42.26
CA THR C 159 -15.97 21.67 41.32
C THR C 159 -15.56 22.89 40.50
N GLN C 160 -14.31 23.32 40.66
CA GLN C 160 -13.81 24.51 39.97
C GLN C 160 -12.32 24.52 39.68
N GLY C 161 -11.93 25.22 38.61
CA GLY C 161 -10.54 25.36 38.21
C GLY C 161 -9.87 24.17 37.55
N MET C 162 -10.65 23.15 37.19
CA MET C 162 -10.13 21.95 36.54
C MET C 162 -10.31 22.06 35.05
N GLU C 163 -9.26 21.68 34.31
CA GLU C 163 -9.25 21.68 32.85
C GLU C 163 -8.49 20.45 32.38
N THR C 164 -9.15 19.63 31.55
CA THR C 164 -8.54 18.42 31.00
C THR C 164 -8.58 18.48 29.47
N THR C 165 -7.43 18.23 28.86
CA THR C 165 -7.30 18.24 27.40
C THR C 165 -7.90 16.95 26.81
N GLN C 166 -8.28 17.02 25.54
CA GLN C 166 -8.81 15.88 24.82
C GLN C 166 -7.61 14.97 24.51
N PRO C 167 -7.80 13.63 24.47
CA PRO C 167 -6.67 12.73 24.19
C PRO C 167 -6.03 12.93 22.82
N SER C 168 -4.70 13.08 22.83
CA SER C 168 -3.90 13.28 21.63
C SER C 168 -3.10 11.99 21.39
N LYS C 169 -3.16 11.48 20.16
CA LYS C 169 -2.50 10.24 19.78
C LYS C 169 -0.99 10.37 19.64
N GLN C 170 -0.28 9.45 20.30
CA GLN C 170 1.18 9.39 20.26
C GLN C 170 1.59 8.61 19.00
N SER C 171 2.88 8.69 18.67
CA SER C 171 3.44 7.99 17.50
C SER C 171 3.32 6.45 17.59
N ASN C 172 3.38 5.90 18.81
CA ASN C 172 3.27 4.46 19.06
C ASN C 172 1.83 3.89 19.15
N ASN C 173 0.86 4.72 18.75
CA ASN C 173 -0.60 4.49 18.72
C ASN C 173 -1.34 4.59 20.05
N LYS C 174 -0.58 4.81 21.13
CA LYS C 174 -1.18 5.01 22.45
C LYS C 174 -1.59 6.50 22.55
N TYR C 175 -2.30 6.88 23.62
CA TYR C 175 -2.79 8.26 23.75
C TYR C 175 -2.29 8.99 25.00
N MET C 176 -2.26 10.32 24.93
CA MET C 176 -1.80 11.18 26.03
C MET C 176 -2.77 12.33 26.27
N ALA C 177 -2.81 12.83 27.50
CA ALA C 177 -3.66 13.96 27.90
C ALA C 177 -3.08 14.56 29.19
N SER C 178 -3.42 15.82 29.46
CA SER C 178 -2.96 16.49 30.66
C SER C 178 -4.13 17.16 31.34
N SER C 179 -4.21 17.06 32.66
CA SER C 179 -5.26 17.73 33.40
C SER C 179 -4.59 18.75 34.30
N TYR C 180 -5.26 19.90 34.46
CA TYR C 180 -4.77 21.00 35.28
C TYR C 180 -5.73 21.41 36.38
N LEU C 181 -5.19 21.65 37.59
CA LEU C 181 -5.99 22.16 38.71
C LEU C 181 -5.34 23.50 39.01
N THR C 182 -6.10 24.57 38.79
CA THR C 182 -5.60 25.92 39.01
C THR C 182 -6.21 26.56 40.25
N LEU C 183 -5.35 26.98 41.18
CA LEU C 183 -5.81 27.65 42.39
C LEU C 183 -4.92 28.81 42.75
N THR C 184 -5.32 29.59 43.75
CA THR C 184 -4.50 30.72 44.20
C THR C 184 -3.40 30.18 45.13
N ALA C 185 -2.34 30.97 45.36
CA ALA C 185 -1.27 30.56 46.26
C ALA C 185 -1.80 30.37 47.70
N ARG C 186 -2.83 31.15 48.05
CA ARG C 186 -3.48 31.10 49.36
C ARG C 186 -4.26 29.80 49.51
N ALA C 187 -4.86 29.34 48.42
CA ALA C 187 -5.63 28.10 48.45
C ALA C 187 -4.70 26.90 48.53
N TRP C 188 -3.51 27.03 47.94
CA TRP C 188 -2.49 25.98 47.97
C TRP C 188 -1.89 25.81 49.38
N GLU C 189 -1.80 26.93 50.10
CA GLU C 189 -1.26 26.94 51.47
C GLU C 189 -2.26 26.34 52.47
N ARG C 190 -3.52 26.69 52.29
CA ARG C 190 -4.64 26.28 53.14
C ARG C 190 -4.95 24.77 53.12
N HIS C 191 -4.77 24.13 51.97
CA HIS C 191 -5.06 22.69 51.86
C HIS C 191 -3.79 21.84 51.85
N SER C 192 -3.94 20.58 52.26
CA SER C 192 -2.79 19.68 52.34
C SER C 192 -2.81 18.42 51.48
N SER C 193 -3.98 17.92 51.12
CA SER C 193 -4.08 16.72 50.29
C SER C 193 -4.67 17.00 48.90
N TYR C 194 -3.91 16.68 47.85
CA TYR C 194 -4.34 16.89 46.45
C TYR C 194 -4.18 15.58 45.67
N SER C 195 -5.25 15.15 45.01
CA SER C 195 -5.28 13.92 44.25
C SER C 195 -5.80 14.12 42.82
N CYS C 196 -5.17 13.44 41.88
CA CYS C 196 -5.59 13.42 40.47
C CYS C 196 -5.98 11.97 40.23
N GLN C 197 -7.25 11.75 39.89
CA GLN C 197 -7.76 10.40 39.67
C GLN C 197 -8.13 10.18 38.21
N VAL C 198 -7.44 9.23 37.59
CA VAL C 198 -7.64 8.91 36.19
C VAL C 198 -8.30 7.55 36.04
N THR C 199 -9.49 7.55 35.43
CA THR C 199 -10.27 6.34 35.19
C THR C 199 -10.14 5.96 33.73
N HIS C 200 -9.82 4.68 33.50
CA HIS C 200 -9.64 4.12 32.17
C HIS C 200 -10.08 2.66 32.19
N GLU C 201 -11.00 2.33 31.28
CA GLU C 201 -11.56 0.98 31.14
C GLU C 201 -12.03 0.37 32.47
N GLY C 202 -12.81 1.18 33.18
CA GLY C 202 -13.36 0.77 34.47
C GLY C 202 -12.43 0.72 35.68
N HIS C 203 -11.13 1.02 35.51
CA HIS C 203 -10.17 1.01 36.62
C HIS C 203 -9.66 2.43 36.84
N THR C 204 -9.52 2.83 38.11
CA THR C 204 -9.06 4.16 38.47
C THR C 204 -7.68 4.22 39.13
N VAL C 205 -6.80 5.03 38.54
CA VAL C 205 -5.42 5.24 39.01
C VAL C 205 -5.36 6.61 39.73
N GLU C 206 -4.79 6.64 40.93
CA GLU C 206 -4.64 7.89 41.69
C GLU C 206 -3.17 8.25 41.95
N LYS C 207 -2.86 9.52 41.77
CA LYS C 207 -1.54 10.06 42.08
C LYS C 207 -1.85 11.24 42.96
N SER C 208 -0.99 11.46 43.95
CA SER C 208 -1.21 12.50 44.94
C SER C 208 -0.04 13.36 45.38
N LEU C 209 -0.42 14.45 46.06
CA LEU C 209 0.47 15.41 46.67
C LEU C 209 -0.08 15.59 48.10
N SER C 210 0.80 15.46 49.10
CA SER C 210 0.47 15.55 50.53
C SER C 210 1.70 16.13 51.27
N PRO C 211 1.62 16.36 52.62
CA PRO C 211 2.80 16.90 53.32
C PRO C 211 3.98 15.95 53.51
N ALA C 212 3.75 14.67 53.24
CA ALA C 212 4.77 13.63 53.36
C ALA C 212 5.85 13.65 52.27
N GLU C 213 5.69 14.54 51.29
CA GLU C 213 6.64 14.64 50.19
C GLU C 213 7.68 15.76 50.29
N CYS C 214 8.45 15.89 49.22
CA CYS C 214 9.50 16.89 49.06
C CYS C 214 8.83 18.16 48.56
N SER C 215 9.33 19.30 49.05
CA SER C 215 8.77 20.60 48.68
C SER C 215 9.79 21.71 48.48
N GLN D 1 18.97 16.32 5.52
CA GLN D 1 19.19 17.60 4.80
C GLN D 1 17.94 17.99 4.00
N VAL D 2 17.07 17.03 3.73
CA VAL D 2 15.84 17.29 2.96
C VAL D 2 14.66 17.75 3.82
N LYS D 3 14.43 19.06 3.79
CA LYS D 3 13.34 19.67 4.55
C LYS D 3 12.81 21.00 4.00
N LEU D 4 11.60 21.34 4.46
CA LEU D 4 10.89 22.56 4.09
C LEU D 4 10.70 23.26 5.45
N GLN D 5 11.46 24.32 5.69
CA GLN D 5 11.40 25.10 6.93
C GLN D 5 10.51 26.32 6.73
N GLU D 6 9.50 26.43 7.59
CA GLU D 6 8.52 27.51 7.53
C GLU D 6 8.71 28.56 8.60
N SER D 7 8.29 29.79 8.32
CA SER D 7 8.36 30.87 9.32
C SER D 7 7.26 30.59 10.37
N GLY D 8 7.61 30.84 11.64
CA GLY D 8 6.70 30.61 12.75
C GLY D 8 5.61 31.63 13.08
N PRO D 9 5.86 32.98 13.00
CA PRO D 9 4.80 33.97 13.32
C PRO D 9 3.53 33.83 12.44
N GLY D 10 2.38 33.64 13.11
CA GLY D 10 1.14 33.47 12.38
C GLY D 10 -0.02 34.36 12.83
N LEU D 11 0.29 35.39 13.64
CA LEU D 11 -0.75 36.28 14.12
C LEU D 11 -1.06 37.32 13.04
N VAL D 12 -2.28 37.26 12.53
CA VAL D 12 -2.71 38.21 11.50
C VAL D 12 -3.95 38.94 12.01
N GLN D 13 -3.96 40.26 11.88
CA GLN D 13 -5.10 41.08 12.31
C GLN D 13 -6.20 40.96 11.24
N PRO D 14 -7.51 40.98 11.65
CA PRO D 14 -8.63 40.88 10.69
C PRO D 14 -8.52 41.87 9.54
N SER D 15 -8.63 41.34 8.32
CA SER D 15 -8.55 42.03 7.02
C SER D 15 -7.13 42.37 6.56
N GLN D 16 -6.13 42.00 7.36
CA GLN D 16 -4.74 42.24 7.01
C GLN D 16 -4.13 41.02 6.33
N SER D 17 -2.90 41.16 5.85
CA SER D 17 -2.19 40.11 5.13
C SER D 17 -1.35 39.13 5.91
N LEU D 18 -1.29 37.91 5.37
CA LEU D 18 -0.48 36.82 5.89
C LEU D 18 0.69 36.60 4.94
N SER D 19 1.90 36.53 5.49
CA SER D 19 3.12 36.28 4.73
C SER D 19 3.89 35.12 5.37
N ILE D 20 4.16 34.07 4.58
CA ILE D 20 4.90 32.87 5.02
C ILE D 20 6.04 32.58 4.03
N THR D 21 7.22 32.29 4.60
CA THR D 21 8.41 31.94 3.85
C THR D 21 8.68 30.46 4.12
N CYS D 22 8.84 29.70 3.04
CA CYS D 22 9.14 28.28 3.09
C CYS D 22 10.60 28.19 2.60
N THR D 23 11.54 27.88 3.50
CA THR D 23 12.96 27.77 3.15
C THR D 23 13.32 26.30 3.00
N VAL D 24 13.74 25.98 1.80
CA VAL D 24 14.01 24.63 1.37
C VAL D 24 15.49 24.24 1.47
N SER D 25 15.75 22.96 1.75
CA SER D 25 17.13 22.44 1.81
C SER D 25 17.18 20.98 1.33
N GLY D 26 18.32 20.58 0.78
CA GLY D 26 18.52 19.21 0.30
C GLY D 26 17.98 18.94 -1.10
N PHE D 27 17.36 19.96 -1.70
CA PHE D 27 16.82 19.88 -3.06
C PHE D 27 16.72 21.26 -3.67
N SER D 28 16.55 21.30 -4.99
CA SER D 28 16.44 22.56 -5.70
C SER D 28 15.03 22.89 -6.15
N LEU D 29 14.70 24.19 -6.09
CA LEU D 29 13.40 24.68 -6.55
C LEU D 29 13.30 24.61 -8.08
N THR D 30 14.44 24.39 -8.75
CA THR D 30 14.45 24.25 -10.21
C THR D 30 14.02 22.81 -10.58
N ASP D 31 13.95 21.92 -9.60
CA ASP D 31 13.52 20.54 -9.86
C ASP D 31 12.14 20.24 -9.26
N TYR D 32 11.77 21.02 -8.25
CA TYR D 32 10.52 20.80 -7.52
C TYR D 32 9.52 21.92 -7.47
N GLY D 33 8.25 21.54 -7.57
CA GLY D 33 7.17 22.50 -7.41
C GLY D 33 6.89 22.55 -5.92
N VAL D 34 6.42 23.69 -5.39
CA VAL D 34 6.06 23.80 -3.97
C VAL D 34 4.62 24.27 -3.85
N HIS D 35 3.83 23.42 -3.21
CA HIS D 35 2.41 23.61 -2.95
C HIS D 35 2.12 24.20 -1.61
N TRP D 36 0.97 24.85 -1.53
CA TRP D 36 0.51 25.44 -0.30
C TRP D 36 -0.87 24.86 -0.04
N VAL D 37 -0.99 24.28 1.16
CA VAL D 37 -2.18 23.57 1.60
C VAL D 37 -2.48 23.95 3.04
N ARG D 38 -3.77 24.11 3.38
CA ARG D 38 -4.13 24.44 4.76
C ARG D 38 -5.07 23.39 5.35
N GLN D 39 -5.17 23.40 6.67
CA GLN D 39 -6.03 22.47 7.43
C GLN D 39 -6.65 23.19 8.63
N SER D 40 -7.97 23.43 8.55
CA SER D 40 -8.75 24.10 9.61
C SER D 40 -9.05 23.07 10.68
N PRO D 41 -9.11 23.48 11.99
CA PRO D 41 -9.39 22.55 13.10
C PRO D 41 -10.59 21.63 12.92
N GLY D 42 -10.33 20.34 12.98
CA GLY D 42 -11.37 19.32 12.80
C GLY D 42 -11.65 18.94 11.35
N LYS D 43 -11.44 19.87 10.42
CA LYS D 43 -11.66 19.67 8.98
C LYS D 43 -10.44 19.05 8.29
N GLY D 44 -10.58 18.76 7.00
CA GLY D 44 -9.50 18.15 6.22
C GLY D 44 -8.58 19.11 5.48
N LEU D 45 -7.76 18.55 4.59
CA LEU D 45 -6.82 19.36 3.81
C LEU D 45 -7.45 20.13 2.65
N GLU D 46 -7.06 21.41 2.53
CA GLU D 46 -7.55 22.26 1.46
C GLU D 46 -6.36 22.79 0.65
N TRP D 47 -6.29 22.41 -0.62
CA TRP D 47 -5.21 22.88 -1.50
C TRP D 47 -5.52 24.33 -1.87
N LEU D 48 -4.51 25.19 -1.75
CA LEU D 48 -4.62 26.62 -2.04
C LEU D 48 -3.92 27.00 -3.35
N GLY D 49 -2.69 26.52 -3.54
CA GLY D 49 -1.95 26.85 -4.74
C GLY D 49 -0.60 26.20 -4.83
N VAL D 50 0.14 26.52 -5.90
CA VAL D 50 1.47 25.96 -6.14
C VAL D 50 2.28 26.85 -7.05
N ILE D 51 3.61 26.77 -6.90
CA ILE D 51 4.53 27.43 -7.83
C ILE D 51 5.43 26.29 -8.30
N TRP D 52 5.24 25.93 -9.57
CA TRP D 52 6.01 24.87 -10.19
C TRP D 52 7.49 25.23 -10.37
N SER D 53 8.29 24.20 -10.62
CA SER D 53 9.73 24.33 -10.82
C SER D 53 10.06 25.38 -11.90
N GLY D 54 9.28 25.35 -12.98
CA GLY D 54 9.40 26.29 -14.08
C GLY D 54 8.92 27.69 -13.74
N GLY D 55 8.33 27.87 -12.56
CA GLY D 55 7.89 29.20 -12.12
C GLY D 55 6.43 29.55 -12.32
N GLY D 56 5.71 28.71 -13.07
CA GLY D 56 4.29 28.95 -13.27
C GLY D 56 3.51 28.68 -11.98
N THR D 57 2.39 29.37 -11.82
CA THR D 57 1.55 29.23 -10.64
C THR D 57 0.11 28.81 -11.00
N ALA D 58 -0.56 28.21 -10.03
CA ALA D 58 -1.96 27.78 -10.12
C ALA D 58 -2.53 27.94 -8.73
N TYR D 59 -3.77 28.43 -8.66
CA TYR D 59 -4.46 28.67 -7.39
C TYR D 59 -5.86 28.15 -7.47
N THR D 60 -6.41 27.76 -6.32
CA THR D 60 -7.81 27.31 -6.21
C THR D 60 -8.61 28.56 -6.57
N ALA D 61 -9.52 28.41 -7.53
CA ALA D 61 -10.34 29.49 -8.07
C ALA D 61 -10.95 30.51 -7.10
N ALA D 62 -11.44 30.03 -5.96
CA ALA D 62 -12.07 30.87 -4.92
C ALA D 62 -11.12 31.82 -4.21
N PHE D 63 -9.83 31.54 -4.35
CA PHE D 63 -8.76 32.30 -3.73
C PHE D 63 -7.98 33.15 -4.72
N ILE D 64 -8.29 33.00 -6.01
CA ILE D 64 -7.60 33.69 -7.11
C ILE D 64 -7.19 35.15 -6.93
N SER D 65 -8.09 35.97 -6.37
CA SER D 65 -7.81 37.40 -6.15
C SER D 65 -7.13 37.72 -4.82
N ARG D 66 -6.96 36.71 -3.97
CA ARG D 66 -6.31 36.93 -2.68
C ARG D 66 -4.95 36.30 -2.44
N LEU D 67 -4.50 35.43 -3.34
CA LEU D 67 -3.20 34.78 -3.21
C LEU D 67 -2.13 35.24 -4.19
N ASN D 68 -0.89 35.08 -3.77
CA ASN D 68 0.29 35.39 -4.57
C ASN D 68 1.42 34.51 -4.02
N ILE D 69 1.87 33.57 -4.84
CA ILE D 69 2.98 32.70 -4.47
C ILE D 69 4.11 33.05 -5.45
N TYR D 70 5.30 33.26 -4.91
CA TYR D 70 6.44 33.59 -5.74
C TYR D 70 7.67 32.96 -5.14
N LYS D 71 8.81 33.05 -5.82
CA LYS D 71 10.00 32.40 -5.28
C LYS D 71 11.29 33.02 -5.74
N ASP D 72 12.36 32.58 -5.10
CA ASP D 72 13.73 32.98 -5.42
C ASP D 72 14.51 31.67 -5.43
N ASN D 73 14.82 31.17 -6.63
CA ASN D 73 15.55 29.91 -6.82
C ASN D 73 16.93 29.90 -6.20
N SER D 74 17.61 31.05 -6.29
CA SER D 74 18.97 31.19 -5.76
C SER D 74 19.05 31.19 -4.23
N LYS D 75 17.94 31.53 -3.57
CA LYS D 75 17.89 31.55 -2.10
C LYS D 75 17.18 30.36 -1.47
N ASN D 76 16.69 29.43 -2.30
CA ASN D 76 15.97 28.21 -1.86
C ASN D 76 14.69 28.56 -1.08
N GLN D 77 14.10 29.70 -1.42
CA GLN D 77 12.91 30.19 -0.73
C GLN D 77 11.68 30.40 -1.60
N VAL D 78 10.54 30.00 -1.04
CA VAL D 78 9.23 30.18 -1.66
C VAL D 78 8.45 31.11 -0.74
N PHE D 79 7.78 32.08 -1.33
CA PHE D 79 7.02 33.06 -0.53
C PHE D 79 5.52 32.98 -0.81
N PHE D 80 4.74 32.89 0.27
CA PHE D 80 3.28 32.80 0.23
C PHE D 80 2.72 34.10 0.79
N GLU D 81 1.74 34.66 0.07
CA GLU D 81 1.07 35.90 0.50
C GLU D 81 -0.44 35.73 0.30
N MET D 82 -1.22 35.95 1.36
CA MET D 82 -2.69 35.88 1.28
C MET D 82 -3.22 37.15 1.92
N ASN D 83 -4.12 37.84 1.22
CA ASN D 83 -4.67 39.07 1.76
C ASN D 83 -6.07 38.88 2.34
N SER D 84 -6.56 39.95 2.96
CA SER D 84 -7.89 40.04 3.56
C SER D 84 -8.31 38.87 4.45
N LEU D 85 -7.48 38.53 5.43
CA LEU D 85 -7.81 37.41 6.30
C LEU D 85 -8.98 37.65 7.24
N GLN D 86 -9.85 36.65 7.34
CA GLN D 86 -10.99 36.72 8.25
C GLN D 86 -10.82 35.60 9.26
N ALA D 87 -11.67 35.58 10.27
CA ALA D 87 -11.60 34.60 11.35
C ALA D 87 -11.60 33.14 10.90
N ASN D 88 -12.37 32.82 9.86
CA ASN D 88 -12.45 31.45 9.39
C ASN D 88 -11.22 31.02 8.54
N ASP D 89 -10.22 31.90 8.40
CA ASP D 89 -8.95 31.58 7.71
C ASP D 89 -7.93 31.08 8.76
N THR D 90 -8.34 30.99 10.02
CA THR D 90 -7.47 30.47 11.10
C THR D 90 -7.25 28.99 10.80
N ALA D 91 -5.98 28.60 10.66
CA ALA D 91 -5.62 27.23 10.31
C ALA D 91 -4.12 27.02 10.31
N MET D 92 -3.74 25.78 10.04
CA MET D 92 -2.35 25.38 9.91
C MET D 92 -2.07 25.48 8.39
N TYR D 93 -1.04 26.21 8.00
CA TYR D 93 -0.70 26.37 6.57
C TYR D 93 0.62 25.67 6.31
N TYR D 94 0.60 24.72 5.38
CA TYR D 94 1.78 23.94 5.05
C TYR D 94 2.32 24.19 3.66
N CYS D 95 3.64 24.05 3.52
CA CYS D 95 4.24 24.08 2.19
C CYS D 95 4.67 22.59 1.99
N ALA D 96 4.61 22.12 0.75
CA ALA D 96 4.96 20.73 0.40
C ALA D 96 5.59 20.67 -0.97
N ARG D 97 6.64 19.88 -1.11
CA ARG D 97 7.29 19.74 -2.41
C ARG D 97 6.64 18.61 -3.24
N ARG D 98 6.86 18.67 -4.55
CA ARG D 98 6.34 17.68 -5.49
C ARG D 98 7.12 17.88 -6.77
N GLY D 99 7.81 16.80 -7.18
CA GLY D 99 8.62 16.83 -8.37
C GLY D 99 7.88 16.43 -9.62
N SER D 100 8.66 16.32 -10.69
CA SER D 100 8.19 15.91 -11.99
C SER D 100 8.31 14.38 -11.99
N TYR D 101 7.63 13.71 -12.92
CA TYR D 101 7.69 12.24 -13.09
C TYR D 101 9.17 11.82 -13.14
N PRO D 102 9.57 10.74 -12.42
CA PRO D 102 8.86 9.82 -11.53
C PRO D 102 8.81 10.21 -10.05
N TYR D 103 9.03 11.49 -9.76
CA TYR D 103 9.02 12.00 -8.40
C TYR D 103 7.76 12.85 -8.16
N ASN D 104 6.73 12.60 -8.98
CA ASN D 104 5.47 13.33 -8.92
C ASN D 104 4.53 12.88 -7.79
N TYR D 105 5.00 13.10 -6.56
CA TYR D 105 4.28 12.80 -5.32
C TYR D 105 4.57 13.87 -4.28
N PHE D 106 3.61 14.13 -3.37
CA PHE D 106 3.81 15.11 -2.29
C PHE D 106 4.52 14.34 -1.17
N ASP D 107 5.81 14.05 -1.36
CA ASP D 107 6.55 13.30 -0.34
C ASP D 107 6.90 14.00 0.95
N VAL D 108 7.56 15.15 0.83
CA VAL D 108 8.03 15.89 2.00
C VAL D 108 7.29 17.21 2.19
N TRP D 109 6.77 17.39 3.41
CA TRP D 109 6.00 18.56 3.81
C TRP D 109 6.69 19.32 4.94
N GLY D 110 6.35 20.60 5.09
CA GLY D 110 6.86 21.41 6.18
C GLY D 110 6.03 21.05 7.41
N GLN D 111 6.44 21.49 8.60
CA GLN D 111 5.71 21.17 9.82
C GLN D 111 4.47 22.07 10.02
N GLY D 112 4.39 23.13 9.21
CA GLY D 112 3.27 24.04 9.27
C GLY D 112 3.46 25.33 10.03
N THR D 113 2.74 26.36 9.59
CA THR D 113 2.73 27.67 10.21
C THR D 113 1.31 27.79 10.80
N THR D 114 1.23 27.94 12.13
CA THR D 114 -0.06 28.07 12.79
C THR D 114 -0.46 29.53 12.65
N VAL D 115 -1.58 29.74 11.98
CA VAL D 115 -2.09 31.08 11.72
C VAL D 115 -3.34 31.35 12.53
N THR D 116 -3.36 32.51 13.17
CA THR D 116 -4.47 32.93 14.00
C THR D 116 -4.86 34.34 13.62
N VAL D 117 -6.14 34.51 13.30
CA VAL D 117 -6.67 35.81 12.90
C VAL D 117 -7.39 36.40 14.10
N SER D 118 -6.78 37.43 14.71
CA SER D 118 -7.31 38.06 15.94
C SER D 118 -6.72 39.46 16.18
N SER D 119 -7.48 40.31 16.87
CA SER D 119 -7.03 41.66 17.25
C SER D 119 -6.22 41.60 18.56
N ALA D 120 -6.30 40.46 19.27
CA ALA D 120 -5.57 40.26 20.55
C ALA D 120 -4.06 40.35 20.38
N LYS D 121 -3.39 40.86 21.40
CA LYS D 121 -1.95 41.04 21.30
C LYS D 121 -1.11 39.83 21.70
N THR D 122 0.13 39.85 21.21
CA THR D 122 1.12 38.82 21.45
C THR D 122 1.66 38.85 22.89
N THR D 123 1.54 37.71 23.55
CA THR D 123 2.01 37.54 24.93
C THR D 123 3.01 36.39 24.97
N PRO D 124 4.24 36.63 25.45
CA PRO D 124 5.24 35.55 25.53
C PRO D 124 4.90 34.66 26.73
N PRO D 125 5.31 33.36 26.69
CA PRO D 125 4.98 32.52 27.84
C PRO D 125 5.91 32.68 29.02
N SER D 126 5.43 32.24 30.17
CA SER D 126 6.23 32.25 31.38
C SER D 126 6.48 30.74 31.60
N VAL D 127 7.74 30.35 31.59
CA VAL D 127 8.09 28.93 31.76
C VAL D 127 8.48 28.57 33.20
N TYR D 128 7.74 27.61 33.75
CA TYR D 128 7.93 27.13 35.12
C TYR D 128 8.41 25.67 35.14
N PRO D 129 9.33 25.33 36.07
CA PRO D 129 9.82 23.95 36.15
C PRO D 129 8.90 23.00 36.92
N LEU D 130 8.76 21.78 36.41
CA LEU D 130 7.94 20.77 37.08
C LEU D 130 8.89 19.66 37.53
N ALA D 131 9.08 19.60 38.85
CA ALA D 131 9.95 18.63 39.51
C ALA D 131 9.05 17.73 40.37
N PRO D 132 9.43 16.44 40.57
CA PRO D 132 8.61 15.53 41.40
C PRO D 132 8.52 15.90 42.88
N GLY D 133 7.56 15.30 43.58
CA GLY D 133 7.38 15.53 45.00
C GLY D 133 8.09 14.47 45.84
N SER D 140 12.49 3.01 38.50
CA SER D 140 13.85 3.50 38.25
C SER D 140 13.88 4.63 37.20
N MET D 141 12.71 4.97 36.68
CA MET D 141 12.56 6.05 35.69
C MET D 141 11.92 7.25 36.41
N VAL D 142 12.31 8.45 36.01
CA VAL D 142 11.81 9.70 36.60
C VAL D 142 11.29 10.65 35.51
N THR D 143 10.12 11.24 35.77
CA THR D 143 9.47 12.18 34.86
C THR D 143 9.56 13.62 35.36
N LEU D 144 10.11 14.48 34.51
CA LEU D 144 10.28 15.92 34.79
C LEU D 144 9.42 16.69 33.80
N GLY D 145 9.24 17.98 34.03
CA GLY D 145 8.42 18.73 33.11
C GLY D 145 8.60 20.22 33.10
N CYS D 146 7.90 20.85 32.16
CA CYS D 146 7.92 22.29 32.01
C CYS D 146 6.52 22.75 31.66
N LEU D 147 6.04 23.70 32.45
CA LEU D 147 4.74 24.31 32.27
C LEU D 147 4.98 25.61 31.52
N VAL D 148 4.42 25.71 30.31
CA VAL D 148 4.56 26.87 29.45
C VAL D 148 3.20 27.59 29.55
N LYS D 149 3.18 28.64 30.39
CA LYS D 149 1.95 29.34 30.71
C LYS D 149 1.72 30.76 30.22
N GLY D 150 0.47 31.01 29.82
CA GLY D 150 0.03 32.31 29.37
C GLY D 150 0.63 32.94 28.12
N TYR D 151 0.51 32.24 26.99
CA TYR D 151 1.03 32.77 25.73
C TYR D 151 -0.06 32.97 24.70
N PHE D 152 0.22 33.82 23.72
CA PHE D 152 -0.69 34.08 22.61
C PHE D 152 0.13 34.64 21.44
N PRO D 153 -0.01 34.04 20.24
CA PRO D 153 -0.86 32.90 19.87
C PRO D 153 -0.06 31.61 19.86
N GLU D 154 -0.63 30.59 19.25
CA GLU D 154 0.03 29.30 19.06
C GLU D 154 1.03 29.55 17.88
N PRO D 155 2.13 28.78 17.78
CA PRO D 155 2.55 27.70 18.68
C PRO D 155 3.70 28.09 19.59
N VAL D 156 4.17 27.08 20.29
CA VAL D 156 5.31 27.15 21.14
C VAL D 156 6.04 25.85 20.74
N THR D 157 7.37 25.88 20.73
CA THR D 157 8.16 24.68 20.43
C THR D 157 8.93 24.38 21.70
N VAL D 158 9.00 23.09 22.05
CA VAL D 158 9.69 22.65 23.25
C VAL D 158 10.68 21.52 22.94
N THR D 159 11.91 21.70 23.40
CA THR D 159 12.93 20.68 23.24
C THR D 159 13.51 20.46 24.63
N TRP D 160 14.15 19.32 24.81
CA TRP D 160 14.79 18.98 26.07
C TRP D 160 16.26 18.74 25.81
N ASN D 161 17.11 19.45 26.57
CA ASN D 161 18.58 19.42 26.46
C ASN D 161 19.06 19.70 25.04
N SER D 162 18.47 20.76 24.48
CA SER D 162 18.73 21.27 23.12
C SER D 162 18.57 20.23 22.01
N GLY D 163 17.74 19.23 22.29
CA GLY D 163 17.46 18.16 21.34
C GLY D 163 18.15 16.84 21.62
N SER D 164 19.00 16.80 22.66
CA SER D 164 19.74 15.57 23.04
C SER D 164 18.81 14.49 23.62
N LEU D 165 17.76 14.94 24.31
CA LEU D 165 16.76 14.05 24.89
C LEU D 165 15.60 14.12 23.90
N SER D 166 15.47 13.07 23.10
CA SER D 166 14.44 12.99 22.07
C SER D 166 13.41 11.91 22.38
N SER D 167 13.87 10.84 23.02
CA SER D 167 13.00 9.74 23.40
C SER D 167 12.47 9.99 24.80
N GLY D 168 11.24 9.54 25.04
CA GLY D 168 10.60 9.71 26.34
C GLY D 168 10.02 11.09 26.54
N VAL D 169 9.88 11.83 25.44
CA VAL D 169 9.35 13.19 25.45
C VAL D 169 7.88 13.22 25.05
N HIS D 170 7.09 13.95 25.83
CA HIS D 170 5.66 14.10 25.57
C HIS D 170 5.31 15.58 25.69
N THR D 171 4.75 16.16 24.63
CA THR D 171 4.31 17.56 24.61
C THR D 171 2.80 17.47 24.36
N PHE D 172 2.06 17.83 25.40
CA PHE D 172 0.60 17.79 25.46
C PHE D 172 -0.09 18.95 24.75
N PRO D 173 -1.36 18.74 24.28
CA PRO D 173 -2.08 19.82 23.60
C PRO D 173 -2.41 20.96 24.56
N ALA D 174 -2.46 22.18 24.02
CA ALA D 174 -2.71 23.38 24.80
C ALA D 174 -4.16 23.60 25.20
N VAL D 175 -4.36 24.24 26.36
CA VAL D 175 -5.70 24.63 26.83
C VAL D 175 -5.78 26.12 26.55
N LEU D 176 -6.98 26.66 26.38
CA LEU D 176 -7.17 28.08 26.08
C LEU D 176 -8.14 28.81 27.03
N GLN D 177 -7.74 30.00 27.46
CA GLN D 177 -8.52 30.86 28.36
C GLN D 177 -8.20 32.35 28.16
N SER D 178 -9.24 33.15 27.90
CA SER D 178 -9.17 34.61 27.66
C SER D 178 -7.98 35.09 26.80
N ASP D 179 -7.88 34.50 25.61
CA ASP D 179 -6.82 34.76 24.63
C ASP D 179 -5.41 34.41 25.15
N LEU D 180 -5.32 33.41 26.03
CA LEU D 180 -4.04 32.94 26.57
C LEU D 180 -4.00 31.42 26.59
N TYR D 181 -2.96 30.86 26.02
CA TYR D 181 -2.78 29.40 25.97
C TYR D 181 -1.79 28.89 27.01
N THR D 182 -1.97 27.63 27.41
CA THR D 182 -1.09 26.96 28.35
C THR D 182 -0.90 25.49 27.95
N LEU D 183 0.34 24.99 28.00
CA LEU D 183 0.65 23.58 27.71
C LEU D 183 1.78 23.10 28.61
N SER D 184 1.98 21.79 28.60
CA SER D 184 3.04 21.16 29.36
C SER D 184 3.77 20.17 28.49
N SER D 185 5.03 20.01 28.81
CA SER D 185 5.90 19.07 28.14
C SER D 185 6.58 18.29 29.26
N SER D 186 6.81 17.00 29.03
CA SER D 186 7.47 16.16 30.00
C SER D 186 8.56 15.29 29.36
N VAL D 187 9.54 14.86 30.17
CA VAL D 187 10.61 13.97 29.71
C VAL D 187 10.90 12.92 30.76
N THR D 188 10.97 11.67 30.31
CA THR D 188 11.26 10.57 31.20
C THR D 188 12.69 10.04 30.95
N VAL D 189 13.54 10.23 31.96
CA VAL D 189 14.96 9.83 31.97
C VAL D 189 15.20 8.88 33.17
N PRO D 190 16.32 8.10 33.18
CA PRO D 190 16.54 7.20 34.34
C PRO D 190 16.94 7.97 35.61
N SER D 191 16.63 7.42 36.78
CA SER D 191 16.96 8.05 38.08
C SER D 191 18.45 8.24 38.34
N SER D 192 19.25 7.53 37.55
CA SER D 192 20.71 7.56 37.60
C SER D 192 21.25 8.79 36.85
N THR D 193 20.44 9.34 35.94
CA THR D 193 20.81 10.50 35.14
C THR D 193 20.28 11.83 35.70
N TRP D 194 19.41 11.74 36.71
CA TRP D 194 18.85 12.92 37.36
C TRP D 194 18.63 12.57 38.82
N PRO D 195 19.05 13.45 39.78
CA PRO D 195 19.72 14.77 39.80
C PRO D 195 21.14 14.92 39.25
N SER D 196 21.79 13.79 38.94
CA SER D 196 23.17 13.71 38.42
C SER D 196 23.47 14.67 37.27
N GLU D 197 22.93 14.36 36.09
CA GLU D 197 23.09 15.20 34.90
C GLU D 197 22.00 16.25 34.94
N THR D 198 22.24 17.37 34.25
CA THR D 198 21.28 18.46 34.20
C THR D 198 20.27 18.28 33.07
N VAL D 199 18.99 18.50 33.40
CA VAL D 199 17.89 18.38 32.43
C VAL D 199 17.22 19.76 32.36
N THR D 200 17.23 20.32 31.15
CA THR D 200 16.70 21.66 30.85
C THR D 200 15.71 21.65 29.67
N CYS D 201 14.62 22.41 29.80
CA CYS D 201 13.66 22.53 28.69
C CYS D 201 13.92 23.84 27.99
N ASN D 202 13.90 23.80 26.66
CA ASN D 202 14.11 24.97 25.84
C ASN D 202 12.77 25.23 25.19
N VAL D 203 12.21 26.40 25.47
CA VAL D 203 10.91 26.78 24.94
C VAL D 203 11.01 28.02 24.05
N ALA D 204 10.54 27.88 22.81
CA ALA D 204 10.54 28.97 21.84
C ALA D 204 9.12 29.39 21.47
N HIS D 205 8.90 30.69 21.37
CA HIS D 205 7.62 31.28 20.99
C HIS D 205 7.93 32.25 19.85
N PRO D 206 7.85 31.80 18.58
CA PRO D 206 8.13 32.60 17.39
C PRO D 206 7.43 33.94 17.20
N ALA D 207 6.16 34.03 17.58
CA ALA D 207 5.39 35.26 17.43
C ALA D 207 5.85 36.46 18.27
N SER D 208 6.66 36.18 19.30
CA SER D 208 7.20 37.21 20.19
C SER D 208 8.72 37.22 20.13
N SER D 209 9.29 36.27 19.39
CA SER D 209 10.73 36.08 19.20
C SER D 209 11.50 35.79 20.49
N THR D 210 10.83 35.10 21.42
CA THR D 210 11.42 34.73 22.70
C THR D 210 11.80 33.25 22.75
N LYS D 211 12.94 32.98 23.39
CA LYS D 211 13.48 31.63 23.57
C LYS D 211 13.99 31.60 25.00
N VAL D 212 13.44 30.71 25.82
CA VAL D 212 13.86 30.61 27.22
C VAL D 212 14.24 29.19 27.62
N ASP D 213 15.22 29.08 28.51
CA ASP D 213 15.68 27.80 29.05
C ASP D 213 15.29 27.75 30.53
N LYS D 214 14.90 26.58 30.99
CA LYS D 214 14.54 26.42 32.40
C LYS D 214 15.04 25.07 32.89
N LYS D 215 16.03 25.14 33.79
CA LYS D 215 16.68 23.98 34.42
C LYS D 215 15.81 23.39 35.53
N ILE D 216 15.61 22.08 35.48
CA ILE D 216 14.81 21.37 36.48
C ILE D 216 15.67 20.99 37.68
N VAL D 217 15.48 21.73 38.77
CA VAL D 217 16.18 21.56 40.04
C VAL D 217 15.30 20.67 40.93
N PRO D 218 15.91 19.76 41.74
CA PRO D 218 15.08 18.92 42.61
C PRO D 218 14.50 19.71 43.76
N ARG D 219 13.43 19.17 44.32
CA ARG D 219 12.76 19.75 45.48
C ARG D 219 13.53 19.20 46.69
N ASP D 220 13.53 19.95 47.78
CA ASP D 220 14.24 19.55 48.99
C ASP D 220 13.47 18.49 49.78
N CYS D 221 14.14 17.36 49.98
CA CYS D 221 13.57 16.24 50.73
C CYS D 221 14.17 16.13 52.13
CL CL E . -25.40 -36.17 0.51
Y YT3 F . -20.07 -36.54 -2.09
C1 DOE G . -22.62 -39.08 -2.00
C2 DOE G . -23.33 -37.90 -2.69
C3 DOE G . -23.17 -35.60 -3.55
C4 DOE G . -22.99 -34.65 -2.35
C5 DOE G . -21.63 -33.93 -0.41
C6 DOE G . -21.76 -35.05 0.60
C7 DOE G . -21.27 -37.30 1.19
C8 DOE G . -22.16 -38.18 0.28
C9 DOE G . -20.58 -39.74 -0.85
C10 DOE G . -19.14 -39.23 -0.55
C11 DOE G . -22.16 -37.39 -4.81
C12 DOE G . -20.98 -38.34 -4.84
C13 DOE G . -20.90 -33.29 -2.66
C14 DOE G . -20.22 -33.74 -3.92
C15 DOE G . -19.42 -35.70 1.20
C16 DOE G . -18.47 -34.92 0.29
C17 DOE G . -23.71 -40.06 -1.38
C18 DOE G . -24.72 -40.58 -2.42
C19 DOE G . -26.11 -40.37 -2.31
C20 DOE G . -26.99 -40.86 -3.31
C21 DOE G . -26.50 -41.58 -4.46
C22 DOE G . -25.10 -41.79 -4.57
C23 DOE G . -24.22 -41.30 -3.56
C24 DOE G . -27.44 -42.68 -6.56
C25 DOE G . -28.77 -42.66 -7.29
C26 DOE G . -31.49 -41.79 -7.42
C27 DOE G . -32.64 -40.99 -6.78
N1 DOE G . -21.57 -38.60 -1.04
N2 DOE G . -22.47 -36.87 -3.41
N3 DOE G . -21.56 -34.38 -1.85
N4 DOE G . -20.70 -36.12 0.49
N5 DOE G . -27.44 -42.00 -5.37
O1 DOE G . -18.77 -38.12 -1.08
O2 DOE G . -18.42 -39.91 0.21
O3 DOE G . -20.20 -38.24 -3.80
O4 DOE G . -20.84 -39.14 -5.80
O5 DOE G . -19.90 -34.95 -4.00
O6 DOE G . -20.02 -32.87 -4.85
O7 DOE G . -18.59 -34.98 -0.94
O8 DOE G . -17.58 -34.20 0.81
O9 DOE G . -26.47 -43.27 -7.05
O10 DOE G . -33.83 -41.10 -7.55
S1 DOE G . -30.00 -41.63 -6.40
CL CL H . 0.07 18.76 -18.11
C1 NAG I . -14.98 31.86 5.07
C2 NAG I . -15.41 30.56 4.29
C3 NAG I . -15.53 30.92 2.78
C4 NAG I . -16.63 32.02 2.66
C5 NAG I . -16.16 33.30 3.48
C6 NAG I . -17.20 34.38 3.42
C7 NAG I . -14.38 28.51 5.44
C8 NAG I . -13.15 27.71 5.43
N2 NAG I . -14.38 29.54 4.55
O3 NAG I . -15.93 29.79 2.00
O4 NAG I . -16.75 32.36 1.28
O5 NAG I . -16.00 32.87 4.88
O6 NAG I . -16.86 35.57 4.11
O7 NAG I . -15.23 28.23 6.19
Y YT3 J . 3.29 17.90 -13.32
C1 DOE K . 4.41 19.46 -16.34
C2 DOE K . 3.19 20.39 -16.00
C3 DOE K . 1.49 20.79 -14.32
C4 DOE K . 0.43 19.67 -14.37
C5 DOE K . -0.18 17.40 -13.99
C6 DOE K . 0.49 16.63 -15.09
C7 DOE K . 2.60 15.97 -16.15
C8 DOE K . 3.12 17.27 -16.74
C9 DOE K . 5.44 17.26 -15.83
C10 DOE K . 5.59 16.20 -14.74
C11 DOE K . 3.76 21.15 -13.73
C12 DOE K . 5.17 20.61 -13.42
C13 DOE K . 0.24 18.75 -12.02
C14 DOE K . 1.29 19.45 -11.10
C15 DOE K . 2.02 14.90 -14.04
C16 DOE K . 1.95 15.09 -12.49
C17 DOE K . 4.80 19.66 -17.88
C18 DOE K . 5.11 21.14 -18.21
C19 DOE K . 4.46 21.83 -19.28
C20 DOE K . 4.77 23.21 -19.53
C21 DOE K . 5.72 23.95 -18.74
C22 DOE K . 6.38 23.23 -17.68
C23 DOE K . 6.08 21.86 -17.42
C24 DOE K . 6.71 26.30 -18.51
C25 DOE K . 6.70 27.63 -19.24
C26 DOE K . 8.57 29.61 -20.01
C27 DOE K . 9.77 30.09 -20.88
N1 DOE K . 4.12 18.01 -15.88
N2 DOE K . 2.85 20.29 -14.50
N3 DOE K . 0.68 18.52 -13.44
N4 DOE K . 1.96 16.19 -14.83
N5 DOE K . 5.92 25.29 -19.04
O1 DOE K . 4.82 16.24 -13.70
O2 DOE K . 6.42 15.32 -14.89
O3 DOE K . 5.28 19.38 -13.26
O4 DOE K . 6.13 21.43 -13.34
O5 DOE K . 2.50 19.60 -11.55
O6 DOE K . 0.92 19.86 -9.98
O7 DOE K . 2.22 16.26 -12.01
O8 DOE K . 1.65 14.11 -11.79
O9 DOE K . 7.37 26.21 -17.47
O10 DOE K . 10.19 31.42 -20.65
S1 DOE K . 8.09 27.88 -20.40
#